data_7BNV
#
_entry.id   7BNV
#
_cell.length_a   74.861
_cell.length_b   74.861
_cell.length_c   143.109
_cell.angle_alpha   90.000
_cell.angle_beta   90.000
_cell.angle_gamma   90.000
#
_symmetry.space_group_name_H-M   'P 43'
#
loop_
_entity.id
_entity.type
_entity.pdbx_description
1 polymer 'Surface glycoprotein'
2 polymer 'Heavy Chain'
3 polymer 'Light Chain'
4 non-polymer 2-acetamido-2-deoxy-beta-D-glucopyranose
5 water water
#
loop_
_entity_poly.entity_id
_entity_poly.type
_entity_poly.pdbx_seq_one_letter_code
_entity_poly.pdbx_strand_id
1 'polypeptide(L)'
;RVQPTESIVRFPNITNLCPFGEVFNATRFASVYAWNRKRISNCVADYSVLYNSASFSTFKCYGVSPTKLNDLCFTNVYAD
SFVIRGDEVRQIAPGQTGKIADYNYKLPDDFTGCVIAWNSNNLDSKVGGNYNYLYRLFRKSNLKPFERDISTEIYQAGST
PCNGVEGFNCYFPLQSYGFQPTNGVGYQPYRVVVLSFELLHAPATVCGPKKSTNLVKNKCVNFAAAGSHHHHHH
;
A
2 'polypeptide(L)'
;QVQLVQSGAEVKKPGESLKISCKGSGYSFTSYWIGWVRQMPGKGLEWMGIIYPGDSDTRYSPSFQGQVTISADKSISTAY
LQWSSLKASDTAMYYCARHPSPYYYGSGSYSGGFDYWGQGTLVTVSSASTKGPSVFPLAPSSKSTSGGTAALGCLVKDYF
PEPVTVSWNSGALTSGVHTFPAVLQSSGLYSLSSVVTVPSSSLGTQTYICNVNHKPSNTKVDKKVEPKSC
;
H
3 'polypeptide(L)'
;ASDIVMTQSPGTLSLSPGERATLSCRASQSVSSSYLAWYQQKPGQAPRLLIYGASTRATGIPARFSGSGSGTEFTLTISS
LQSEDFAVYYCQQYDNWPLMHTFGQGTKLEIKRTAAAPSVFIFPPSDEQLKSGTASVVCLLNNFYPREAKVQWKVDNALQ
SGNSQESVTEQDSKDSTYSLSSTLTLSKADYEKHKLYACEVTHQGLSSPVTKSFNRGEC
;
L
#
loop_
_chem_comp.id
_chem_comp.type
_chem_comp.name
_chem_comp.formula
NAG D-saccharide, beta linking 2-acetamido-2-deoxy-beta-D-glucopyranose 'C8 H15 N O6'
#
# COMPACT_ATOMS: atom_id res chain seq x y z
N ASN A 16 34.75 -6.24 18.80
CA ASN A 16 35.41 -6.08 17.52
C ASN A 16 35.30 -4.65 17.02
N LEU A 17 36.33 -4.18 16.32
CA LEU A 17 36.45 -2.78 15.93
C LEU A 17 35.84 -2.58 14.54
N CYS A 18 35.34 -1.37 14.32
CA CYS A 18 34.64 -1.08 13.06
C CYS A 18 35.63 -1.09 11.90
N PRO A 19 35.27 -1.74 10.78
CA PRO A 19 36.19 -1.90 9.64
C PRO A 19 36.29 -0.65 8.77
N PHE A 20 36.88 0.40 9.34
CA PHE A 20 37.03 1.65 8.59
C PHE A 20 38.12 1.54 7.54
N GLY A 21 39.11 0.67 7.75
CA GLY A 21 40.17 0.52 6.77
C GLY A 21 39.69 -0.03 5.45
N GLU A 22 38.57 -0.76 5.46
CA GLU A 22 38.05 -1.34 4.23
C GLU A 22 37.65 -0.26 3.22
N VAL A 23 37.21 0.90 3.69
CA VAL A 23 36.80 1.98 2.80
C VAL A 23 37.88 3.05 2.68
N PHE A 24 38.55 3.41 3.79
CA PHE A 24 39.60 4.42 3.71
C PHE A 24 40.81 3.90 2.95
N ASN A 25 41.21 2.66 3.22
CA ASN A 25 42.41 2.08 2.63
C ASN A 25 42.10 1.23 1.41
N ALA A 26 40.96 1.44 0.77
CA ALA A 26 40.58 0.64 -0.39
C ALA A 26 41.47 0.97 -1.58
N THR A 27 41.76 -0.06 -2.37
CA THR A 27 42.58 0.11 -3.57
C THR A 27 41.82 0.92 -4.63
N ARG A 28 40.58 0.53 -4.91
CA ARG A 28 39.72 1.23 -5.84
C ARG A 28 38.73 2.13 -5.11
N PHE A 29 38.50 3.32 -5.66
CA PHE A 29 37.35 4.13 -5.30
C PHE A 29 36.41 4.27 -6.49
N ALA A 30 35.15 4.60 -6.18
CA ALA A 30 34.13 4.73 -7.19
C ALA A 30 34.14 6.14 -7.79
N SER A 31 33.61 6.24 -9.00
CA SER A 31 33.27 7.54 -9.55
C SER A 31 32.15 8.16 -8.73
N VAL A 32 32.12 9.49 -8.67
CA VAL A 32 31.20 10.16 -7.76
C VAL A 32 29.76 9.92 -8.15
N TYR A 33 29.48 9.78 -9.46
CA TYR A 33 28.11 9.54 -9.89
C TYR A 33 27.59 8.20 -9.38
N ALA A 34 28.47 7.20 -9.29
CA ALA A 34 28.10 5.90 -8.75
C ALA A 34 28.81 5.69 -7.42
N TRP A 35 28.70 6.68 -6.52
CA TRP A 35 29.41 6.61 -5.24
C TRP A 35 29.02 5.35 -4.48
N ASN A 36 29.95 4.85 -3.69
CA ASN A 36 29.77 3.62 -2.95
C ASN A 36 29.32 3.90 -1.52
N ARG A 37 28.53 2.98 -0.97
CA ARG A 37 28.05 3.09 0.40
C ARG A 37 28.28 1.78 1.12
N LYS A 38 28.85 1.89 2.32
CA LYS A 38 29.21 0.77 3.17
C LYS A 38 28.60 1.06 4.53
N ARG A 39 27.75 0.17 5.04
CA ARG A 39 27.16 0.44 6.33
C ARG A 39 28.00 -0.16 7.45
N ILE A 40 28.18 0.60 8.52
CA ILE A 40 29.04 0.22 9.63
C ILE A 40 28.10 -0.14 10.78
N SER A 41 28.14 -1.40 11.24
CA SER A 41 27.21 -1.82 12.27
C SER A 41 27.82 -2.92 13.12
N ASN A 42 27.39 -2.96 14.38
CA ASN A 42 27.80 -3.98 15.34
C ASN A 42 29.32 -3.98 15.53
N CYS A 43 29.83 -2.84 16.00
CA CYS A 43 31.26 -2.68 16.21
C CYS A 43 31.50 -1.40 17.00
N VAL A 44 32.70 -1.30 17.56
CA VAL A 44 33.16 -0.10 18.26
C VAL A 44 34.06 0.68 17.31
N ALA A 45 33.92 2.01 17.30
CA ALA A 45 34.61 2.87 16.36
C ALA A 45 35.42 3.91 17.11
N ASP A 46 36.75 3.84 16.96
CA ASP A 46 37.65 4.83 17.53
C ASP A 46 37.92 5.89 16.48
N TYR A 47 37.39 7.10 16.70
CA TYR A 47 37.48 8.17 15.72
C TYR A 47 38.70 9.07 15.93
N SER A 48 39.25 9.12 17.14
CA SER A 48 40.49 9.88 17.34
C SER A 48 41.65 9.27 16.57
N VAL A 49 41.60 7.96 16.32
CA VAL A 49 42.57 7.33 15.42
C VAL A 49 42.56 8.04 14.07
N LEU A 50 41.37 8.34 13.56
CA LEU A 50 41.24 9.07 12.31
C LEU A 50 41.52 10.55 12.49
N TYR A 51 41.02 11.14 13.58
CA TYR A 51 41.24 12.56 13.83
C TYR A 51 42.71 12.87 14.10
N ASN A 52 43.46 11.91 14.63
CA ASN A 52 44.89 12.08 14.85
C ASN A 52 45.68 11.42 13.72
N SER A 53 45.34 11.84 12.51
CA SER A 53 46.11 11.53 11.31
C SER A 53 46.34 12.83 10.56
N ALA A 54 47.58 13.10 10.19
CA ALA A 54 47.93 14.32 9.46
C ALA A 54 47.74 14.16 7.96
N SER A 55 47.13 13.06 7.50
CA SER A 55 47.08 12.71 6.09
C SER A 55 45.74 13.07 5.44
N PHE A 56 45.01 14.04 5.99
CA PHE A 56 43.72 14.45 5.46
C PHE A 56 43.73 15.93 5.15
N SER A 57 43.54 16.27 3.87
CA SER A 57 43.39 17.66 3.47
C SER A 57 42.18 18.29 4.14
N THR A 58 41.02 17.65 4.03
CA THR A 58 39.78 18.09 4.67
C THR A 58 39.27 17.02 5.62
N PHE A 59 38.84 17.46 6.80
CA PHE A 59 38.04 16.63 7.70
C PHE A 59 37.28 17.54 8.67
N LYS A 60 36.08 17.92 8.25
CA LYS A 60 35.13 18.76 8.95
C LYS A 60 33.91 17.92 9.33
N CYS A 61 33.29 18.24 10.47
CA CYS A 61 32.12 17.50 10.93
C CYS A 61 30.95 18.46 11.12
N TYR A 62 29.74 17.91 11.01
CA TYR A 62 28.52 18.70 11.07
C TYR A 62 27.58 18.08 12.09
N GLY A 63 27.03 18.93 12.97
CA GLY A 63 26.15 18.45 14.01
C GLY A 63 26.81 17.56 15.05
N VAL A 64 28.12 17.39 14.99
CA VAL A 64 28.81 16.55 15.97
C VAL A 64 30.19 17.16 16.21
N SER A 65 30.65 17.07 17.46
CA SER A 65 32.01 17.46 17.78
C SER A 65 32.93 16.28 17.50
N PRO A 66 33.97 16.45 16.67
CA PRO A 66 34.83 15.30 16.36
C PRO A 66 35.54 14.73 17.58
N THR A 67 35.79 15.55 18.60
CA THR A 67 36.41 15.04 19.82
C THR A 67 35.42 14.22 20.64
N LYS A 68 34.20 14.73 20.81
CA LYS A 68 33.15 14.03 21.55
C LYS A 68 32.55 12.86 20.78
N LEU A 69 33.19 12.42 19.70
CA LEU A 69 32.66 11.33 18.89
C LEU A 69 33.03 9.96 19.43
N ASN A 70 34.14 9.85 20.16
CA ASN A 70 34.53 8.56 20.72
C ASN A 70 33.69 8.17 21.92
N ASP A 71 32.93 9.10 22.49
CA ASP A 71 32.00 8.77 23.56
C ASP A 71 30.57 9.07 23.14
N LEU A 72 30.08 8.39 22.11
CA LEU A 72 28.73 8.60 21.61
C LEU A 72 28.34 7.43 20.71
N CYS A 73 27.05 7.12 20.70
CA CYS A 73 26.51 5.98 19.98
C CYS A 73 25.55 6.44 18.88
N PHE A 74 25.35 5.60 17.88
CA PHE A 74 24.46 5.91 16.78
C PHE A 74 23.77 4.64 16.29
N THR A 75 22.55 4.82 15.77
CA THR A 75 21.75 3.69 15.32
C THR A 75 22.33 3.05 14.07
N ASN A 76 22.69 3.87 13.08
CA ASN A 76 23.30 3.40 11.85
C ASN A 76 24.41 4.35 11.45
N VAL A 77 25.54 3.79 11.02
CA VAL A 77 26.66 4.56 10.52
C VAL A 77 26.97 4.10 9.11
N TYR A 78 27.11 5.05 8.19
CA TYR A 78 27.39 4.76 6.79
C TYR A 78 28.68 5.46 6.38
N ALA A 79 29.42 4.84 5.47
CA ALA A 79 30.67 5.38 4.94
C ALA A 79 30.57 5.43 3.42
N ASP A 80 30.42 6.63 2.87
CA ASP A 80 30.40 6.83 1.43
C ASP A 80 31.80 7.22 0.97
N SER A 81 32.18 6.75 -0.23
CA SER A 81 33.51 7.01 -0.77
C SER A 81 33.44 7.21 -2.27
N PHE A 82 34.19 8.19 -2.77
CA PHE A 82 34.22 8.51 -4.20
C PHE A 82 35.39 9.44 -4.44
N VAL A 83 35.61 9.78 -5.71
CA VAL A 83 36.73 10.60 -6.15
C VAL A 83 36.19 11.82 -6.89
N ILE A 84 36.66 13.01 -6.49
CA ILE A 84 36.29 14.28 -7.10
C ILE A 84 37.54 15.14 -7.21
N ARG A 85 37.39 16.31 -7.82
CA ARG A 85 38.50 17.26 -7.86
C ARG A 85 38.72 17.88 -6.49
N GLY A 86 39.91 18.45 -6.31
CA GLY A 86 40.20 19.16 -5.08
C GLY A 86 39.31 20.37 -4.88
N ASP A 87 39.06 21.12 -5.95
CA ASP A 87 38.20 22.30 -5.87
C ASP A 87 36.73 21.95 -5.73
N GLU A 88 36.36 20.67 -5.79
CA GLU A 88 34.99 20.24 -5.61
C GLU A 88 34.71 19.69 -4.22
N VAL A 89 35.74 19.57 -3.38
CA VAL A 89 35.54 19.09 -2.02
C VAL A 89 34.65 20.04 -1.22
N ARG A 90 34.69 21.33 -1.55
CA ARG A 90 33.78 22.29 -0.90
C ARG A 90 32.33 21.91 -1.11
N GLN A 91 32.00 21.34 -2.27
CA GLN A 91 30.63 20.94 -2.58
C GLN A 91 30.14 19.79 -1.72
N ILE A 92 31.03 19.09 -1.02
CA ILE A 92 30.62 17.94 -0.21
C ILE A 92 30.28 18.45 1.17
N ALA A 93 29.15 19.15 1.28
CA ALA A 93 28.72 19.80 2.52
C ALA A 93 27.23 20.05 2.42
N PRO A 94 26.52 20.16 3.54
CA PRO A 94 25.08 20.43 3.48
C PRO A 94 24.79 21.77 2.83
N GLY A 95 23.76 21.79 1.98
CA GLY A 95 23.30 23.02 1.37
C GLY A 95 24.20 23.57 0.30
N GLN A 96 25.11 22.77 -0.25
CA GLN A 96 26.04 23.26 -1.25
C GLN A 96 25.41 23.20 -2.64
N THR A 97 26.06 23.88 -3.59
CA THR A 97 25.53 24.05 -4.93
C THR A 97 26.66 23.78 -5.92
N GLY A 98 26.32 23.15 -7.03
CA GLY A 98 27.31 22.88 -8.06
C GLY A 98 27.04 21.56 -8.75
N LYS A 99 27.92 21.25 -9.71
CA LYS A 99 27.76 20.04 -10.51
C LYS A 99 27.75 18.79 -9.64
N ILE A 100 28.63 18.73 -8.64
CA ILE A 100 28.72 17.54 -7.81
C ILE A 100 27.60 17.49 -6.79
N ALA A 101 27.40 18.58 -6.04
CA ALA A 101 26.41 18.58 -4.97
C ALA A 101 24.99 18.44 -5.50
N ASP A 102 24.72 18.93 -6.71
CA ASP A 102 23.36 18.92 -7.25
C ASP A 102 23.08 17.74 -8.17
N TYR A 103 24.10 17.20 -8.84
CA TYR A 103 23.88 16.15 -9.82
C TYR A 103 24.53 14.82 -9.49
N ASN A 104 25.41 14.76 -8.49
CA ASN A 104 26.17 13.54 -8.23
C ASN A 104 26.04 13.04 -6.79
N TYR A 105 26.22 13.91 -5.80
CA TYR A 105 26.19 13.48 -4.40
C TYR A 105 25.69 14.65 -3.56
N LYS A 106 24.49 14.51 -3.01
CA LYS A 106 23.86 15.57 -2.22
C LYS A 106 23.67 15.12 -0.79
N LEU A 107 24.04 15.98 0.15
CA LEU A 107 23.87 15.81 1.59
C LEU A 107 22.67 16.60 2.08
N PRO A 108 21.90 16.04 3.02
CA PRO A 108 20.73 16.76 3.54
C PRO A 108 21.14 17.98 4.36
N ASP A 109 20.16 18.87 4.56
CA ASP A 109 20.42 20.09 5.33
C ASP A 109 20.75 19.75 6.78
N ASP A 110 20.07 18.75 7.36
CA ASP A 110 20.32 18.33 8.73
C ASP A 110 21.36 17.22 8.83
N PHE A 111 22.33 17.19 7.91
CA PHE A 111 23.33 16.14 7.89
C PHE A 111 24.10 16.09 9.20
N THR A 112 24.26 14.89 9.74
CA THR A 112 25.05 14.66 10.95
C THR A 112 26.15 13.66 10.60
N GLY A 113 27.38 14.15 10.53
CA GLY A 113 28.49 13.29 10.17
C GLY A 113 29.72 14.11 9.85
N CYS A 114 30.69 13.44 9.24
CA CYS A 114 31.98 14.05 8.95
C CYS A 114 32.38 13.79 7.50
N VAL A 115 33.01 14.78 6.88
CA VAL A 115 33.48 14.71 5.50
C VAL A 115 35.00 14.71 5.53
N ILE A 116 35.61 13.66 4.97
CA ILE A 116 37.05 13.44 5.03
C ILE A 116 37.58 13.33 3.61
N ALA A 117 38.66 14.05 3.31
CA ALA A 117 39.22 14.03 1.96
C ALA A 117 40.73 14.15 2.04
N TRP A 118 41.40 13.58 1.04
CA TRP A 118 42.85 13.69 0.90
C TRP A 118 43.22 13.62 -0.57
N ASN A 119 44.38 14.17 -0.90
CA ASN A 119 44.87 14.14 -2.27
C ASN A 119 45.25 12.73 -2.67
N SER A 120 44.88 12.35 -3.89
CA SER A 120 45.15 11.01 -4.41
C SER A 120 45.63 11.09 -5.85
N ASN A 121 46.38 12.14 -6.17
CA ASN A 121 46.96 12.25 -7.52
C ASN A 121 47.92 11.10 -7.81
N ASN A 122 48.57 10.57 -6.77
CA ASN A 122 49.53 9.48 -6.96
C ASN A 122 48.83 8.20 -7.41
N LEU A 123 47.62 7.95 -6.92
CA LEU A 123 46.92 6.70 -7.20
C LEU A 123 45.92 6.81 -8.33
N ASP A 124 45.34 7.99 -8.56
CA ASP A 124 44.22 8.14 -9.50
C ASP A 124 44.61 8.97 -10.72
N SER A 125 45.89 9.02 -11.07
CA SER A 125 46.33 9.72 -12.29
C SER A 125 47.74 9.19 -12.62
N LYS A 126 47.81 8.27 -13.57
CA LYS A 126 49.07 7.67 -13.98
C LYS A 126 49.52 8.27 -15.31
N VAL A 127 50.67 7.78 -15.80
CA VAL A 127 51.22 8.27 -17.06
C VAL A 127 50.20 8.05 -18.17
N GLY A 128 49.80 9.15 -18.82
CA GLY A 128 48.72 9.11 -19.78
C GLY A 128 47.38 9.51 -19.23
N GLY A 129 47.33 10.08 -18.03
CA GLY A 129 46.07 10.48 -17.44
C GLY A 129 45.27 9.31 -16.91
N ASN A 130 44.02 9.61 -16.58
CA ASN A 130 43.07 8.60 -16.14
C ASN A 130 41.68 9.09 -16.48
N TYR A 131 41.02 8.43 -17.44
CA TYR A 131 39.70 8.82 -17.90
C TYR A 131 38.62 7.82 -17.50
N ASN A 132 38.84 7.06 -16.44
CA ASN A 132 37.82 6.15 -15.93
C ASN A 132 36.97 6.76 -14.83
N TYR A 133 37.39 7.87 -14.25
CA TYR A 133 36.60 8.58 -13.24
C TYR A 133 35.64 9.52 -13.95
N LEU A 134 34.35 9.34 -13.68
CA LEU A 134 33.30 10.10 -14.34
C LEU A 134 32.50 10.90 -13.32
N TYR A 135 31.76 11.88 -13.83
CA TYR A 135 30.80 12.63 -13.03
C TYR A 135 29.66 13.05 -13.93
N ARG A 136 28.48 13.24 -13.33
CA ARG A 136 27.30 13.66 -14.08
C ARG A 136 27.34 15.16 -14.26
N LEU A 137 27.47 15.61 -15.50
CA LEU A 137 27.55 17.03 -15.82
C LEU A 137 26.17 17.66 -16.00
N PHE A 138 25.18 16.88 -16.42
CA PHE A 138 23.84 17.38 -16.71
C PHE A 138 22.79 16.59 -15.95
N ARG A 139 21.73 17.28 -15.55
CA ARG A 139 20.55 16.61 -15.01
C ARG A 139 19.34 17.54 -15.11
N LYS A 140 18.18 16.96 -15.40
CA LYS A 140 16.96 17.75 -15.55
C LYS A 140 16.53 18.37 -14.23
N SER A 141 16.87 17.74 -13.11
CA SER A 141 16.57 18.30 -11.79
C SER A 141 17.66 17.89 -10.82
N ASN A 142 17.73 18.60 -9.71
CA ASN A 142 18.71 18.29 -8.68
C ASN A 142 18.44 16.92 -8.07
N LEU A 143 19.49 16.31 -7.54
CA LEU A 143 19.31 15.07 -6.79
C LEU A 143 18.61 15.35 -5.47
N LYS A 144 17.95 14.34 -4.96
CA LYS A 144 17.58 14.36 -3.56
C LYS A 144 18.72 13.79 -2.74
N PRO A 145 18.82 14.14 -1.45
CA PRO A 145 19.93 13.64 -0.64
C PRO A 145 20.05 12.13 -0.69
N PHE A 146 21.30 11.67 -0.82
CA PHE A 146 21.66 10.25 -0.84
C PHE A 146 21.07 9.50 -2.02
N GLU A 147 20.78 10.20 -3.12
CA GLU A 147 20.39 9.55 -4.36
C GLU A 147 21.62 9.30 -5.23
N ARG A 148 21.59 8.20 -5.96
CA ARG A 148 22.72 7.72 -6.76
C ARG A 148 22.20 7.45 -8.16
N ASP A 149 22.33 8.44 -9.04
CA ASP A 149 21.81 8.35 -10.40
C ASP A 149 22.91 7.78 -11.30
N ILE A 150 22.68 6.59 -11.83
CA ILE A 150 23.61 5.93 -12.73
C ILE A 150 23.00 5.73 -14.11
N SER A 151 21.89 6.39 -14.41
CA SER A 151 21.28 6.32 -15.72
C SER A 151 22.12 7.08 -16.74
N THR A 152 21.89 6.74 -18.02
CA THR A 152 22.66 7.33 -19.12
C THR A 152 21.73 7.82 -20.22
N GLU A 153 20.62 8.46 -19.84
CA GLU A 153 19.74 9.08 -20.81
C GLU A 153 20.43 10.28 -21.44
N ILE A 154 20.34 10.39 -22.77
CA ILE A 154 20.95 11.53 -23.46
C ILE A 154 20.24 12.80 -23.03
N TYR A 155 21.02 13.77 -22.58
CA TYR A 155 20.48 15.00 -22.00
C TYR A 155 20.20 16.02 -23.09
N GLN A 156 19.01 16.63 -23.03
CA GLN A 156 18.60 17.64 -23.98
C GLN A 156 19.01 19.01 -23.44
N ALA A 157 20.05 19.59 -24.03
CA ALA A 157 20.56 20.89 -23.59
C ALA A 157 19.90 22.06 -24.30
N GLY A 158 19.42 21.85 -25.53
CA GLY A 158 18.81 22.92 -26.29
C GLY A 158 17.33 22.75 -26.52
N SER A 159 16.82 23.32 -27.62
CA SER A 159 15.40 23.31 -27.91
C SER A 159 14.96 22.05 -28.67
N THR A 160 15.80 21.53 -29.55
CA THR A 160 15.42 20.40 -30.37
C THR A 160 15.46 19.10 -29.56
N PRO A 161 14.49 18.21 -29.74
CA PRO A 161 14.49 16.96 -28.99
C PRO A 161 15.57 16.01 -29.48
N CYS A 162 16.00 15.12 -28.59
CA CYS A 162 17.14 14.25 -28.86
C CYS A 162 16.71 12.91 -29.47
N ASN A 163 15.77 12.22 -28.83
CA ASN A 163 15.33 10.88 -29.23
C ASN A 163 16.43 9.84 -29.00
N GLY A 164 17.05 9.92 -27.82
CA GLY A 164 18.04 8.94 -27.39
C GLY A 164 19.30 8.85 -28.22
N VAL A 165 19.58 9.85 -29.07
CA VAL A 165 20.76 9.83 -29.92
C VAL A 165 21.63 11.03 -29.59
N GLU A 166 22.94 10.83 -29.65
CA GLU A 166 23.88 11.90 -29.36
C GLU A 166 24.06 12.82 -30.56
N GLY A 167 24.06 14.11 -30.30
CA GLY A 167 24.26 15.10 -31.35
C GLY A 167 24.51 16.45 -30.72
N PHE A 168 24.38 17.49 -31.54
CA PHE A 168 24.52 18.85 -31.01
C PHE A 168 23.42 19.10 -29.98
N ASN A 169 23.82 19.70 -28.85
CA ASN A 169 22.95 19.98 -27.71
C ASN A 169 22.32 18.72 -27.11
N CYS A 170 22.80 17.54 -27.49
CA CYS A 170 22.28 16.27 -26.99
C CYS A 170 23.48 15.46 -26.50
N TYR A 171 23.74 15.48 -25.20
CA TYR A 171 24.99 15.01 -24.63
C TYR A 171 24.79 13.74 -23.83
N PHE A 172 25.77 12.85 -23.90
CA PHE A 172 25.90 11.80 -22.90
C PHE A 172 26.06 12.45 -21.52
N PRO A 173 25.23 12.10 -20.54
CA PRO A 173 25.21 12.86 -19.29
C PRO A 173 26.47 12.72 -18.45
N LEU A 174 27.20 11.63 -18.58
CA LEU A 174 28.40 11.40 -17.80
C LEU A 174 29.61 11.90 -18.56
N GLN A 175 30.45 12.70 -17.89
CA GLN A 175 31.63 13.29 -18.48
C GLN A 175 32.87 12.81 -17.74
N SER A 176 33.98 12.70 -18.48
CA SER A 176 35.22 12.20 -17.91
C SER A 176 35.99 13.30 -17.20
N TYR A 177 36.52 12.97 -16.03
CA TYR A 177 37.51 13.82 -15.40
C TYR A 177 38.82 13.72 -16.16
N GLY A 178 39.55 14.83 -16.22
CA GLY A 178 40.86 14.81 -16.85
C GLY A 178 41.83 13.95 -16.08
N PHE A 179 42.27 14.43 -14.93
CA PHE A 179 43.18 13.72 -14.03
C PHE A 179 44.46 13.31 -14.75
N GLN A 180 45.13 14.31 -15.32
CA GLN A 180 46.50 14.12 -15.77
C GLN A 180 47.45 14.38 -14.60
N PRO A 181 48.61 13.71 -14.59
CA PRO A 181 49.47 13.78 -13.39
C PRO A 181 49.96 15.18 -13.05
N THR A 182 50.09 16.08 -14.03
CA THR A 182 50.64 17.43 -13.80
C THR A 182 49.56 18.51 -13.92
N ASN A 183 48.33 18.18 -13.53
CA ASN A 183 47.22 19.11 -13.28
C ASN A 183 47.43 19.99 -12.07
N GLY A 184 46.70 21.10 -12.07
CA GLY A 184 46.66 21.94 -10.90
C GLY A 184 46.07 21.23 -9.71
N VAL A 185 46.47 21.66 -8.51
CA VAL A 185 46.06 20.99 -7.28
C VAL A 185 44.55 20.92 -7.17
N GLY A 186 43.84 21.92 -7.71
CA GLY A 186 42.39 21.93 -7.68
C GLY A 186 41.72 21.07 -8.74
N TYR A 187 42.44 20.69 -9.79
CA TYR A 187 41.94 19.76 -10.78
C TYR A 187 42.51 18.35 -10.61
N GLN A 188 43.31 18.14 -9.57
CA GLN A 188 43.86 16.84 -9.24
C GLN A 188 42.82 16.01 -8.49
N PRO A 189 42.85 14.69 -8.63
CA PRO A 189 41.82 13.86 -7.99
C PRO A 189 42.01 13.82 -6.47
N TYR A 190 40.89 13.87 -5.76
CA TYR A 190 40.86 13.75 -4.32
C TYR A 190 39.95 12.58 -3.94
N ARG A 191 40.43 11.75 -3.02
CA ARG A 191 39.60 10.69 -2.46
C ARG A 191 38.91 11.22 -1.22
N VAL A 192 37.61 10.97 -1.11
CA VAL A 192 36.76 11.54 -0.08
C VAL A 192 35.86 10.47 0.51
N VAL A 193 35.82 10.42 1.84
CA VAL A 193 34.94 9.52 2.58
C VAL A 193 34.02 10.38 3.43
N VAL A 194 32.72 10.11 3.35
CA VAL A 194 31.71 10.78 4.15
C VAL A 194 31.14 9.78 5.14
N LEU A 195 31.19 10.12 6.43
CA LEU A 195 30.62 9.30 7.48
C LEU A 195 29.28 9.90 7.89
N SER A 196 28.23 9.07 7.88
CA SER A 196 26.88 9.50 8.20
C SER A 196 26.47 8.87 9.53
N PHE A 197 26.11 9.70 10.50
CA PHE A 197 25.69 9.25 11.82
C PHE A 197 24.19 9.47 11.94
N GLU A 198 23.42 8.41 11.68
CA GLU A 198 21.97 8.47 11.77
C GLU A 198 21.53 8.03 13.15
N LEU A 199 20.69 8.84 13.79
CA LEU A 199 20.14 8.54 15.11
C LEU A 199 18.65 8.32 14.98
N LEU A 200 18.20 7.11 15.30
CA LEU A 200 16.80 6.74 15.27
C LEU A 200 16.38 6.23 16.64
N HIS A 201 15.08 6.30 16.93
CA HIS A 201 14.54 5.72 18.15
C HIS A 201 14.58 4.21 17.98
N ALA A 202 15.77 3.64 18.18
CA ALA A 202 16.07 2.26 17.88
C ALA A 202 17.38 1.87 18.56
N PRO A 203 17.73 0.58 18.62
CA PRO A 203 18.99 0.22 19.27
C PRO A 203 20.19 0.81 18.55
N ALA A 204 21.18 1.23 19.33
CA ALA A 204 22.44 1.69 18.77
C ALA A 204 23.28 0.50 18.33
N THR A 205 23.91 0.64 17.16
CA THR A 205 24.74 -0.42 16.61
C THR A 205 26.21 -0.05 16.51
N VAL A 206 26.57 1.21 16.74
CA VAL A 206 27.97 1.66 16.68
C VAL A 206 28.20 2.64 17.81
N CYS A 207 29.22 2.36 18.63
CA CYS A 207 29.60 3.22 19.73
C CYS A 207 31.12 3.40 19.73
N GLY A 208 31.61 4.17 20.68
CA GLY A 208 33.03 4.30 20.92
C GLY A 208 33.41 3.76 22.27
N PRO A 209 34.71 3.85 22.62
CA PRO A 209 35.22 3.36 23.90
C PRO A 209 34.54 4.01 25.11
N GLN B 1 12.75 -1.00 13.25
CA GLN B 1 11.57 -1.39 12.49
C GLN B 1 10.90 -0.18 11.84
N VAL B 2 10.63 -0.28 10.55
CA VAL B 2 9.95 0.80 9.83
C VAL B 2 8.45 0.67 10.06
N GLN B 3 7.81 1.80 10.37
CA GLN B 3 6.38 1.80 10.64
C GLN B 3 5.75 3.09 10.16
N LEU B 4 4.68 2.97 9.38
CA LEU B 4 3.83 4.08 9.00
C LEU B 4 2.47 3.91 9.67
N VAL B 5 2.05 4.91 10.43
CA VAL B 5 0.77 4.89 11.13
C VAL B 5 -0.09 6.04 10.61
N GLN B 6 -1.36 5.75 10.36
CA GLN B 6 -2.32 6.72 9.87
C GLN B 6 -3.34 7.03 10.95
N SER B 7 -3.97 8.19 10.82
CA SER B 7 -4.96 8.61 11.80
C SER B 7 -6.25 7.79 11.64
N GLY B 8 -7.12 7.93 12.65
CA GLY B 8 -8.28 7.07 12.75
C GLY B 8 -9.34 7.34 11.70
N ALA B 9 -10.36 6.48 11.71
CA ALA B 9 -11.43 6.56 10.72
C ALA B 9 -12.23 7.85 10.90
N GLU B 10 -12.66 8.42 9.78
CA GLU B 10 -13.33 9.71 9.75
C GLU B 10 -14.73 9.56 9.17
N VAL B 11 -15.70 10.18 9.84
CA VAL B 11 -17.08 10.21 9.37
C VAL B 11 -17.50 11.67 9.29
N LYS B 12 -17.75 12.13 8.06
CA LYS B 12 -18.00 13.53 7.82
C LYS B 12 -19.23 13.67 6.93
N LYS B 13 -19.76 14.88 6.93
CA LYS B 13 -20.82 15.58 6.21
C LYS B 13 -20.23 16.32 5.01
N PRO B 14 -20.93 16.26 3.88
CA PRO B 14 -20.49 17.00 2.69
C PRO B 14 -20.28 18.47 2.99
N GLY B 15 -19.22 19.02 2.42
CA GLY B 15 -18.85 20.39 2.64
C GLY B 15 -17.87 20.60 3.77
N GLU B 16 -17.73 19.65 4.68
CA GLU B 16 -16.77 19.79 5.76
C GLU B 16 -15.35 19.62 5.26
N SER B 17 -14.42 20.33 5.89
CA SER B 17 -13.01 20.10 5.63
C SER B 17 -12.51 18.91 6.43
N LEU B 18 -11.41 18.33 5.98
CA LEU B 18 -10.84 17.18 6.64
C LEU B 18 -9.34 17.15 6.40
N LYS B 19 -8.58 16.86 7.45
CA LYS B 19 -7.15 16.61 7.36
C LYS B 19 -6.85 15.27 8.03
N ILE B 20 -6.15 14.39 7.33
CA ILE B 20 -5.70 13.14 7.90
C ILE B 20 -4.18 13.09 7.83
N SER B 21 -3.58 12.34 8.74
CA SER B 21 -2.15 12.36 8.94
C SER B 21 -1.55 10.97 8.78
N CYS B 22 -0.25 10.95 8.48
CA CYS B 22 0.52 9.73 8.28
C CYS B 22 1.89 9.94 8.90
N LYS B 23 2.17 9.22 9.99
CA LYS B 23 3.41 9.40 10.74
C LYS B 23 4.31 8.19 10.56
N GLY B 24 5.56 8.44 10.20
CA GLY B 24 6.53 7.39 9.98
C GLY B 24 7.58 7.36 11.07
N SER B 25 8.11 6.17 11.36
CA SER B 25 9.16 6.01 12.34
C SER B 25 10.05 4.85 11.90
N GLY B 26 11.21 4.75 12.55
CA GLY B 26 12.16 3.70 12.23
C GLY B 26 13.01 3.95 11.01
N TYR B 27 12.98 5.16 10.46
CA TYR B 27 13.79 5.51 9.29
C TYR B 27 13.79 7.03 9.18
N SER B 28 14.70 7.54 8.36
CA SER B 28 14.79 8.98 8.08
C SER B 28 13.58 9.38 7.25
N PHE B 29 12.59 9.98 7.92
CA PHE B 29 11.33 10.30 7.25
C PHE B 29 11.52 11.27 6.09
N THR B 30 12.51 12.16 6.19
CA THR B 30 12.73 13.16 5.15
C THR B 30 13.44 12.62 3.92
N SER B 31 13.96 11.39 3.98
CA SER B 31 14.76 10.83 2.89
C SER B 31 13.94 10.01 1.89
N TYR B 32 12.70 9.66 2.22
CA TYR B 32 11.85 8.87 1.34
C TYR B 32 10.61 9.66 0.96
N TRP B 33 10.11 9.40 -0.24
CA TRP B 33 8.85 10.00 -0.65
C TRP B 33 7.68 9.31 0.05
N ILE B 34 6.59 10.06 0.19
CA ILE B 34 5.35 9.53 0.77
C ILE B 34 4.24 9.76 -0.22
N GLY B 35 3.64 8.67 -0.72
CA GLY B 35 2.54 8.75 -1.64
C GLY B 35 1.20 8.54 -0.95
N TRP B 36 0.15 9.05 -1.58
CA TRP B 36 -1.21 8.87 -1.11
C TRP B 36 -2.00 8.13 -2.18
N VAL B 37 -2.71 7.07 -1.76
CA VAL B 37 -3.42 6.19 -2.68
C VAL B 37 -4.86 6.05 -2.21
N ARG B 38 -5.81 6.20 -3.13
CA ARG B 38 -7.23 6.09 -2.82
C ARG B 38 -7.77 4.73 -3.27
N GLN B 39 -8.65 4.16 -2.46
CA GLN B 39 -9.35 2.92 -2.81
C GLN B 39 -10.81 3.09 -2.43
N MET B 40 -11.64 3.47 -3.40
CA MET B 40 -13.07 3.56 -3.17
C MET B 40 -13.64 2.16 -2.92
N PRO B 41 -14.76 2.07 -2.20
CA PRO B 41 -15.28 0.75 -1.81
C PRO B 41 -15.45 -0.19 -2.99
N GLY B 42 -14.84 -1.36 -2.88
CA GLY B 42 -14.95 -2.38 -3.92
C GLY B 42 -14.28 -2.02 -5.22
N LYS B 43 -13.31 -1.11 -5.20
CA LYS B 43 -12.65 -0.63 -6.40
C LYS B 43 -11.15 -0.81 -6.26
N GLY B 44 -10.42 -0.37 -7.28
CA GLY B 44 -8.98 -0.52 -7.32
C GLY B 44 -8.25 0.64 -6.69
N LEU B 45 -6.93 0.62 -6.84
CA LEU B 45 -6.06 1.66 -6.31
C LEU B 45 -5.93 2.80 -7.30
N GLU B 46 -5.91 4.03 -6.80
CA GLU B 46 -5.69 5.22 -7.61
C GLU B 46 -4.62 6.08 -6.96
N TRP B 47 -3.59 6.41 -7.72
CA TRP B 47 -2.57 7.32 -7.20
C TRP B 47 -3.12 8.74 -7.12
N MET B 48 -2.95 9.35 -5.95
CA MET B 48 -3.40 10.73 -5.73
C MET B 48 -2.24 11.72 -5.84
N GLY B 49 -1.15 11.47 -5.14
CA GLY B 49 -0.02 12.38 -5.15
C GLY B 49 1.11 11.84 -4.31
N ILE B 50 2.21 12.57 -4.32
CA ILE B 50 3.42 12.17 -3.62
C ILE B 50 4.13 13.43 -3.11
N ILE B 51 4.85 13.28 -2.00
CA ILE B 51 5.59 14.39 -1.41
C ILE B 51 6.91 13.87 -0.85
N TYR B 52 7.96 14.66 -1.06
CA TYR B 52 9.26 14.42 -0.44
C TYR B 52 9.36 15.28 0.79
N PRO B 53 9.26 14.72 2.00
CA PRO B 53 9.20 15.57 3.21
C PRO B 53 10.46 16.36 3.47
N GLY B 54 11.58 16.03 2.83
CA GLY B 54 12.81 16.78 3.05
C GLY B 54 12.68 18.24 2.67
N ASP B 55 11.99 18.51 1.55
CA ASP B 55 11.77 19.87 1.09
C ASP B 55 10.33 20.12 0.67
N SER B 56 9.41 19.21 0.98
CA SER B 56 7.98 19.33 0.62
C SER B 56 7.77 19.45 -0.89
N ASP B 57 8.64 18.82 -1.67
CA ASP B 57 8.43 18.72 -3.12
C ASP B 57 7.19 17.85 -3.36
N THR B 58 6.11 18.47 -3.79
CA THR B 58 4.81 17.81 -3.89
C THR B 58 4.39 17.67 -5.35
N ARG B 59 3.94 16.47 -5.70
CA ARG B 59 3.50 16.09 -7.04
C ARG B 59 2.15 15.40 -6.97
N TYR B 60 1.19 15.94 -7.71
CA TYR B 60 -0.18 15.44 -7.71
C TYR B 60 -0.51 14.76 -9.03
N SER B 61 -1.41 13.77 -8.95
CA SER B 61 -2.03 13.24 -10.15
C SER B 61 -2.95 14.30 -10.76
N PRO B 62 -3.00 14.41 -12.09
CA PRO B 62 -3.93 15.37 -12.71
C PRO B 62 -5.39 15.15 -12.33
N SER B 63 -5.78 13.92 -11.97
CA SER B 63 -7.14 13.70 -11.49
C SER B 63 -7.38 14.22 -10.08
N PHE B 64 -6.32 14.56 -9.34
CA PHE B 64 -6.46 15.09 -7.99
C PHE B 64 -5.81 16.45 -7.81
N GLN B 65 -5.15 16.97 -8.84
CA GLN B 65 -4.58 18.31 -8.78
C GLN B 65 -5.66 19.34 -8.47
N GLY B 66 -5.42 20.14 -7.43
CA GLY B 66 -6.41 21.11 -6.98
C GLY B 66 -7.60 20.52 -6.26
N GLN B 67 -7.85 19.21 -6.39
CA GLN B 67 -8.91 18.57 -5.63
C GLN B 67 -8.57 18.51 -4.15
N VAL B 68 -7.28 18.42 -3.81
CA VAL B 68 -6.86 18.05 -2.46
C VAL B 68 -5.48 18.65 -2.26
N THR B 69 -5.04 18.69 -1.00
CA THR B 69 -3.74 19.28 -0.65
C THR B 69 -2.90 18.27 0.11
N ILE B 70 -1.66 18.10 -0.31
CA ILE B 70 -0.72 17.19 0.33
C ILE B 70 0.44 18.00 0.89
N SER B 71 0.77 17.77 2.16
CA SER B 71 1.81 18.52 2.84
C SER B 71 2.52 17.60 3.83
N ALA B 72 3.53 18.15 4.52
CA ALA B 72 4.30 17.39 5.48
C ALA B 72 4.88 18.31 6.53
N ASP B 73 5.11 17.76 7.72
CA ASP B 73 5.76 18.45 8.84
C ASP B 73 6.96 17.60 9.24
N LYS B 74 8.16 18.05 8.87
CA LYS B 74 9.37 17.28 9.18
C LYS B 74 9.52 17.07 10.69
N SER B 75 9.21 18.09 11.48
CA SER B 75 9.50 18.06 12.91
C SER B 75 8.74 16.95 13.64
N ILE B 76 7.65 16.45 13.07
CA ILE B 76 6.93 15.33 13.66
C ILE B 76 6.83 14.15 12.68
N SER B 77 7.66 14.15 11.64
CA SER B 77 7.77 13.03 10.70
C SER B 77 6.41 12.60 10.18
N THR B 78 5.62 13.59 9.74
CA THR B 78 4.22 13.36 9.40
C THR B 78 3.91 13.94 8.03
N ALA B 79 3.22 13.16 7.20
CA ALA B 79 2.65 13.64 5.96
C ALA B 79 1.15 13.82 6.13
N TYR B 80 0.57 14.78 5.42
CA TYR B 80 -0.84 15.10 5.53
C TYR B 80 -1.53 14.97 4.19
N LEU B 81 -2.84 14.77 4.26
CA LEU B 81 -3.75 14.80 3.11
C LEU B 81 -5.03 15.47 3.58
N GLN B 82 -5.45 16.53 2.88
CA GLN B 82 -6.58 17.31 3.38
C GLN B 82 -7.45 17.82 2.23
N TRP B 83 -8.76 17.80 2.49
CA TRP B 83 -9.76 18.38 1.61
C TRP B 83 -10.30 19.67 2.22
N SER B 84 -10.64 20.64 1.36
CA SER B 84 -11.27 21.85 1.86
C SER B 84 -12.78 21.69 1.97
N SER B 85 -13.39 20.89 1.09
CA SER B 85 -14.83 20.67 1.10
C SER B 85 -15.08 19.23 0.64
N LEU B 86 -15.27 18.33 1.60
CA LEU B 86 -15.47 16.93 1.28
C LEU B 86 -16.74 16.73 0.48
N LYS B 87 -16.77 15.61 -0.23
CA LYS B 87 -17.89 15.26 -1.09
C LYS B 87 -18.21 13.79 -0.91
N ALA B 88 -19.46 13.43 -1.21
CA ALA B 88 -19.88 12.05 -0.97
C ALA B 88 -19.02 11.09 -1.76
N SER B 89 -18.59 11.49 -2.96
CA SER B 89 -17.76 10.63 -3.81
C SER B 89 -16.35 10.44 -3.26
N ASP B 90 -15.99 11.14 -2.18
CA ASP B 90 -14.69 10.98 -1.55
C ASP B 90 -14.67 9.86 -0.52
N THR B 91 -15.81 9.21 -0.27
CA THR B 91 -15.87 8.08 0.64
C THR B 91 -14.98 6.95 0.12
N ALA B 92 -13.89 6.66 0.83
CA ALA B 92 -12.91 5.69 0.35
C ALA B 92 -11.93 5.39 1.48
N MET B 93 -11.12 4.36 1.25
CA MET B 93 -9.94 4.10 2.07
C MET B 93 -8.76 4.86 1.47
N TYR B 94 -8.00 5.53 2.32
CA TYR B 94 -6.89 6.37 1.89
C TYR B 94 -5.61 5.84 2.50
N TYR B 95 -4.73 5.31 1.65
CA TYR B 95 -3.45 4.76 2.09
C TYR B 95 -2.34 5.79 1.89
N CYS B 96 -1.49 5.91 2.90
CA CYS B 96 -0.18 6.53 2.74
C CYS B 96 0.86 5.42 2.65
N ALA B 97 1.86 5.61 1.80
CA ALA B 97 2.85 4.57 1.60
C ALA B 97 4.21 5.21 1.28
N ARG B 98 5.26 4.60 1.82
CA ARG B 98 6.62 5.05 1.58
C ARG B 98 7.09 4.56 0.22
N HIS B 99 7.74 5.44 -0.53
CA HIS B 99 8.22 5.13 -1.88
C HIS B 99 9.64 5.65 -2.02
N PRO B 100 10.64 4.79 -1.91
CA PRO B 100 12.01 5.21 -2.25
C PRO B 100 12.11 5.48 -3.74
N SER B 101 12.78 6.58 -4.08
CA SER B 101 13.01 6.89 -5.48
C SER B 101 13.84 5.79 -6.12
N PRO B 102 13.76 5.63 -7.44
CA PRO B 102 14.64 4.65 -8.11
C PRO B 102 16.11 4.99 -8.00
N TYR B 103 16.46 6.18 -7.51
CA TYR B 103 17.85 6.58 -7.34
C TYR B 103 18.31 6.52 -5.89
N TYR B 104 17.40 6.36 -4.93
CA TYR B 104 17.78 6.43 -3.52
C TYR B 104 18.69 5.27 -3.14
N TYR B 105 19.81 5.59 -2.51
CA TYR B 105 20.87 4.63 -2.20
C TYR B 105 21.19 4.60 -0.71
N GLY B 106 20.29 5.13 0.13
CA GLY B 106 20.58 5.28 1.55
C GLY B 106 20.81 3.99 2.29
N SER B 107 20.34 2.87 1.75
CA SER B 107 20.54 1.57 2.38
C SER B 107 21.82 0.87 1.91
N GLY B 108 22.48 1.40 0.88
CA GLY B 108 23.58 0.71 0.23
C GLY B 108 23.19 -0.05 -1.01
N SER B 109 21.89 -0.12 -1.31
CA SER B 109 21.39 -0.78 -2.50
C SER B 109 20.13 -0.05 -2.96
N TYR B 110 19.68 -0.38 -4.17
CA TYR B 110 18.52 0.27 -4.76
C TYR B 110 17.24 -0.44 -4.35
N SER B 111 16.15 0.33 -4.28
CA SER B 111 14.82 -0.21 -4.01
C SER B 111 13.84 0.42 -4.97
N GLY B 112 12.56 0.14 -4.77
CA GLY B 112 11.53 0.66 -5.66
C GLY B 112 10.15 0.40 -5.12
N GLY B 113 9.18 1.08 -5.72
CA GLY B 113 7.78 0.90 -5.38
C GLY B 113 7.38 1.36 -4.00
N PHE B 114 6.08 1.33 -3.71
CA PHE B 114 5.60 1.59 -2.36
C PHE B 114 5.94 0.40 -1.48
N ASP B 115 7.08 0.46 -0.79
CA ASP B 115 7.55 -0.71 -0.07
C ASP B 115 6.88 -0.89 1.29
N TYR B 116 6.52 0.20 1.95
CA TYR B 116 5.80 0.12 3.22
C TYR B 116 4.52 0.93 3.13
N TRP B 117 3.45 0.39 3.69
CA TRP B 117 2.12 0.99 3.62
C TRP B 117 1.58 1.23 5.03
N GLY B 118 0.81 2.29 5.18
CA GLY B 118 0.02 2.46 6.37
C GLY B 118 -1.17 1.52 6.37
N GLN B 119 -1.83 1.44 7.52
CA GLN B 119 -3.01 0.59 7.63
C GLN B 119 -4.24 1.19 6.97
N GLY B 120 -4.14 2.42 6.47
CA GLY B 120 -5.26 3.07 5.80
C GLY B 120 -6.13 3.86 6.76
N THR B 121 -6.70 4.94 6.25
CA THR B 121 -7.67 5.74 6.97
C THR B 121 -9.00 5.69 6.23
N LEU B 122 -10.00 5.09 6.85
CA LEU B 122 -11.32 5.01 6.26
C LEU B 122 -12.03 6.35 6.41
N VAL B 123 -12.47 6.92 5.30
CA VAL B 123 -13.17 8.20 5.29
C VAL B 123 -14.56 7.97 4.71
N THR B 124 -15.58 8.28 5.50
CA THR B 124 -16.97 8.13 5.10
C THR B 124 -17.61 9.51 5.05
N VAL B 125 -18.07 9.91 3.87
CA VAL B 125 -18.69 11.21 3.65
C VAL B 125 -20.14 10.96 3.25
N SER B 126 -21.07 11.25 4.16
CA SER B 126 -22.47 10.99 3.92
C SER B 126 -23.31 12.08 4.58
N SER B 127 -24.52 12.26 4.05
CA SER B 127 -25.49 13.16 4.66
C SER B 127 -26.10 12.58 5.94
N ALA B 128 -25.92 11.30 6.19
CA ALA B 128 -26.54 10.64 7.34
C ALA B 128 -25.82 11.00 8.63
N SER B 129 -26.52 10.82 9.74
CA SER B 129 -26.00 11.08 11.07
C SER B 129 -25.84 9.77 11.83
N THR B 130 -25.20 9.86 12.99
CA THR B 130 -24.96 8.69 13.82
C THR B 130 -26.28 8.11 14.32
N LYS B 131 -26.50 6.83 14.05
CA LYS B 131 -27.72 6.15 14.50
C LYS B 131 -27.39 4.71 14.85
N GLY B 132 -27.89 4.26 16.00
CA GLY B 132 -27.73 2.88 16.40
C GLY B 132 -28.53 1.95 15.51
N PRO B 133 -28.23 0.65 15.59
CA PRO B 133 -28.91 -0.33 14.73
C PRO B 133 -30.22 -0.82 15.34
N SER B 134 -31.05 -1.38 14.46
CA SER B 134 -32.32 -1.98 14.85
C SER B 134 -32.24 -3.48 14.61
N VAL B 135 -32.38 -4.27 15.67
CA VAL B 135 -32.13 -5.71 15.62
C VAL B 135 -33.45 -6.45 15.64
N PHE B 136 -33.59 -7.35 14.68
CA PHE B 136 -34.76 -8.22 14.51
C PHE B 136 -34.31 -9.66 14.31
N PRO B 137 -35.03 -10.65 14.83
CA PRO B 137 -34.63 -12.03 14.67
C PRO B 137 -35.00 -12.62 13.33
N LEU B 138 -34.16 -13.56 12.91
CA LEU B 138 -34.42 -14.43 11.75
C LEU B 138 -34.69 -15.82 12.33
N ALA B 139 -35.98 -16.10 12.57
CA ALA B 139 -36.40 -17.27 13.34
C ALA B 139 -36.44 -18.53 12.47
N PRO B 140 -36.17 -19.70 13.05
CA PRO B 140 -36.27 -20.95 12.29
C PRO B 140 -37.59 -21.67 12.52
N SER B 141 -38.01 -22.47 11.54
CA SER B 141 -39.21 -23.28 11.66
C SER B 141 -39.18 -24.36 10.60
N SER B 142 -40.06 -25.35 10.75
CA SER B 142 -40.19 -26.47 9.82
C SER B 142 -38.86 -27.18 9.59
N GLY B 148 -31.65 -32.12 9.13
CA GLY B 148 -31.51 -31.92 10.56
C GLY B 148 -30.66 -30.72 10.92
N THR B 149 -30.59 -29.75 10.01
CA THR B 149 -29.83 -28.52 10.24
C THR B 149 -30.73 -27.33 9.95
N ALA B 150 -30.84 -26.43 10.93
CA ALA B 150 -31.65 -25.23 10.80
C ALA B 150 -30.78 -23.99 10.86
N ALA B 151 -31.25 -22.92 10.22
CA ALA B 151 -30.53 -21.66 10.17
C ALA B 151 -31.31 -20.58 10.92
N LEU B 152 -30.60 -19.77 11.69
CA LEU B 152 -31.20 -18.69 12.45
C LEU B 152 -30.22 -17.54 12.51
N GLY B 153 -30.73 -16.36 12.81
CA GLY B 153 -29.86 -15.21 12.88
C GLY B 153 -30.58 -13.97 13.34
N CYS B 154 -29.96 -12.82 13.06
CA CYS B 154 -30.48 -11.53 13.45
C CYS B 154 -30.25 -10.54 12.32
N LEU B 155 -31.26 -9.72 12.05
CA LEU B 155 -31.16 -8.67 11.03
C LEU B 155 -30.83 -7.35 11.70
N VAL B 156 -29.62 -6.87 11.45
CA VAL B 156 -29.10 -5.62 12.00
C VAL B 156 -29.32 -4.56 10.92
N LYS B 157 -30.35 -3.75 11.10
CA LYS B 157 -30.82 -2.85 10.05
C LYS B 157 -30.80 -1.40 10.52
N ASP B 158 -30.59 -0.50 9.56
CA ASP B 158 -30.69 0.94 9.77
C ASP B 158 -29.71 1.43 10.82
N TYR B 159 -28.46 1.59 10.44
CA TYR B 159 -27.42 2.08 11.33
C TYR B 159 -26.38 2.85 10.52
N PHE B 160 -25.72 3.79 11.20
CA PHE B 160 -24.71 4.66 10.61
C PHE B 160 -23.91 5.33 11.71
N PRO B 161 -22.59 5.54 11.56
CA PRO B 161 -21.76 5.15 10.43
C PRO B 161 -21.44 3.68 10.56
N GLU B 162 -20.51 3.15 9.79
CA GLU B 162 -20.25 1.73 9.95
C GLU B 162 -19.10 1.66 10.95
N PRO B 163 -18.73 0.49 11.48
CA PRO B 163 -19.04 -0.94 11.45
C PRO B 163 -19.88 -1.36 12.63
N VAL B 164 -20.33 -2.60 12.57
CA VAL B 164 -21.04 -3.26 13.66
C VAL B 164 -20.41 -4.64 13.83
N THR B 165 -20.28 -5.08 15.07
CA THR B 165 -19.79 -6.40 15.38
C THR B 165 -20.93 -7.26 15.90
N VAL B 166 -20.92 -8.53 15.54
CA VAL B 166 -21.97 -9.47 15.94
C VAL B 166 -21.30 -10.75 16.41
N SER B 167 -21.54 -11.12 17.67
CA SER B 167 -21.09 -12.39 18.21
C SER B 167 -22.31 -13.19 18.69
N TRP B 168 -22.09 -14.48 18.92
CA TRP B 168 -23.16 -15.39 19.32
C TRP B 168 -22.80 -16.05 20.64
N ASN B 169 -23.71 -15.95 21.60
CA ASN B 169 -23.54 -16.54 22.94
C ASN B 169 -22.24 -16.05 23.58
N SER B 170 -22.03 -14.73 23.52
CA SER B 170 -20.84 -14.09 24.08
C SER B 170 -19.56 -14.65 23.48
N GLY B 171 -19.58 -15.01 22.21
CA GLY B 171 -18.42 -15.54 21.54
C GLY B 171 -18.19 -17.03 21.73
N ALA B 172 -19.17 -17.77 22.25
CA ALA B 172 -19.03 -19.21 22.40
C ALA B 172 -19.47 -19.97 21.17
N LEU B 173 -20.47 -19.46 20.44
CA LEU B 173 -20.95 -20.12 19.23
C LEU B 173 -20.22 -19.47 18.07
N THR B 174 -19.16 -20.12 17.59
CA THR B 174 -18.42 -19.60 16.45
C THR B 174 -18.54 -20.44 15.20
N SER B 175 -18.79 -21.74 15.33
CA SER B 175 -18.86 -22.62 14.18
C SER B 175 -20.13 -22.36 13.38
N GLY B 176 -19.99 -22.18 12.08
CA GLY B 176 -21.11 -22.00 11.19
C GLY B 176 -21.67 -20.60 11.13
N VAL B 177 -21.05 -19.63 11.80
CA VAL B 177 -21.55 -18.26 11.81
C VAL B 177 -21.14 -17.57 10.52
N HIS B 178 -22.06 -16.76 9.97
CA HIS B 178 -21.78 -15.96 8.77
C HIS B 178 -22.37 -14.57 9.00
N THR B 179 -21.50 -13.60 9.30
CA THR B 179 -21.89 -12.21 9.46
C THR B 179 -21.64 -11.50 8.14
N PHE B 180 -22.71 -11.14 7.44
CA PHE B 180 -22.62 -10.68 6.07
C PHE B 180 -22.08 -9.25 5.98
N PRO B 181 -21.42 -8.92 4.88
CA PRO B 181 -21.02 -7.52 4.66
C PRO B 181 -22.25 -6.64 4.52
N ALA B 182 -22.21 -5.49 5.20
CA ALA B 182 -23.33 -4.56 5.14
C ALA B 182 -23.48 -3.98 3.75
N VAL B 183 -24.71 -3.58 3.43
CA VAL B 183 -25.01 -2.91 2.18
C VAL B 183 -25.50 -1.49 2.49
N LEU B 184 -25.29 -0.59 1.54
CA LEU B 184 -25.70 0.80 1.70
C LEU B 184 -27.12 0.96 1.18
N GLN B 185 -28.09 1.09 2.08
CA GLN B 185 -29.45 1.40 1.67
C GLN B 185 -29.49 2.76 0.98
N SER B 186 -30.47 2.92 0.09
CA SER B 186 -30.66 4.21 -0.59
C SER B 186 -30.89 5.33 0.42
N SER B 187 -31.38 5.00 1.60
CA SER B 187 -31.54 5.96 2.70
C SER B 187 -30.21 6.44 3.26
N GLY B 188 -29.08 6.14 2.63
CA GLY B 188 -27.79 6.50 3.20
C GLY B 188 -27.50 5.81 4.51
N LEU B 189 -28.08 4.64 4.72
CA LEU B 189 -28.03 3.95 6.00
C LEU B 189 -27.68 2.49 5.74
N TYR B 190 -26.96 1.88 6.67
CA TYR B 190 -26.42 0.53 6.44
C TYR B 190 -27.30 -0.53 7.08
N SER B 191 -27.07 -1.78 6.68
CA SER B 191 -27.85 -2.91 7.16
C SER B 191 -27.17 -4.21 6.75
N LEU B 192 -27.16 -5.18 7.66
CA LEU B 192 -26.61 -6.51 7.40
C LEU B 192 -27.40 -7.55 8.17
N SER B 193 -27.02 -8.82 7.97
CA SER B 193 -27.59 -9.94 8.71
C SER B 193 -26.47 -10.89 9.09
N SER B 194 -26.57 -11.44 10.31
CA SER B 194 -25.66 -12.47 10.79
C SER B 194 -26.45 -13.75 11.00
N VAL B 195 -26.10 -14.80 10.26
CA VAL B 195 -26.81 -16.06 10.32
C VAL B 195 -25.90 -17.13 10.91
N VAL B 196 -26.51 -18.23 11.33
CA VAL B 196 -25.77 -19.38 11.81
C VAL B 196 -26.59 -20.65 11.65
N THR B 197 -25.99 -21.67 11.04
CA THR B 197 -26.63 -22.97 10.90
C THR B 197 -26.32 -23.82 12.14
N VAL B 198 -27.28 -24.64 12.52
CA VAL B 198 -27.19 -25.31 13.81
C VAL B 198 -28.12 -26.53 13.78
N PRO B 199 -27.87 -27.58 14.57
CA PRO B 199 -28.78 -28.74 14.54
C PRO B 199 -30.21 -28.37 14.91
N SER B 200 -31.15 -28.93 14.16
CA SER B 200 -32.57 -28.69 14.40
C SER B 200 -33.05 -29.30 15.71
N SER B 201 -32.36 -30.30 16.23
CA SER B 201 -32.70 -30.87 17.53
C SER B 201 -32.25 -29.99 18.69
N SER B 202 -31.39 -29.01 18.44
CA SER B 202 -30.96 -28.05 19.45
C SER B 202 -31.90 -26.86 19.55
N LEU B 203 -32.91 -26.78 18.68
CA LEU B 203 -33.82 -25.64 18.70
C LEU B 203 -34.60 -25.57 20.01
N GLY B 204 -35.03 -26.72 20.51
CA GLY B 204 -35.66 -26.80 21.81
C GLY B 204 -34.70 -27.11 22.93
N THR B 205 -33.41 -27.24 22.65
CA THR B 205 -32.41 -27.56 23.68
C THR B 205 -31.18 -26.65 23.65
N GLN B 206 -31.25 -25.50 22.97
CA GLN B 206 -30.15 -24.54 23.08
C GLN B 206 -30.66 -23.12 22.84
N THR B 207 -30.37 -22.24 23.79
CA THR B 207 -30.69 -20.81 23.66
C THR B 207 -29.63 -20.09 22.83
N TYR B 208 -30.09 -19.23 21.92
CA TYR B 208 -29.26 -18.59 20.90
C TYR B 208 -29.44 -17.08 21.01
N ILE B 209 -28.38 -16.39 21.38
CA ILE B 209 -28.39 -14.94 21.56
C ILE B 209 -27.31 -14.34 20.67
N CYS B 210 -27.70 -13.38 19.84
CA CYS B 210 -26.75 -12.63 19.03
C CYS B 210 -26.42 -11.32 19.73
N ASN B 211 -25.13 -11.03 19.86
CA ASN B 211 -24.64 -9.87 20.60
C ASN B 211 -24.20 -8.82 19.60
N VAL B 212 -25.00 -7.76 19.46
CA VAL B 212 -24.76 -6.71 18.49
C VAL B 212 -24.18 -5.50 19.20
N ASN B 213 -23.14 -4.91 18.61
CA ASN B 213 -22.45 -3.77 19.20
C ASN B 213 -22.21 -2.71 18.13
N HIS B 214 -22.62 -1.47 18.42
CA HIS B 214 -22.37 -0.33 17.56
C HIS B 214 -21.64 0.72 18.40
N LYS B 215 -20.31 0.70 18.34
CA LYS B 215 -19.50 1.61 19.13
C LYS B 215 -19.76 3.10 18.84
N PRO B 216 -19.99 3.54 17.59
CA PRO B 216 -20.24 4.98 17.38
C PRO B 216 -21.44 5.51 18.17
N SER B 217 -22.51 4.74 18.29
CA SER B 217 -23.68 5.16 19.05
C SER B 217 -23.72 4.54 20.44
N ASN B 218 -22.66 3.83 20.85
CA ASN B 218 -22.59 3.17 22.15
C ASN B 218 -23.81 2.29 22.40
N THR B 219 -24.30 1.66 21.33
CA THR B 219 -25.48 0.80 21.38
C THR B 219 -25.03 -0.65 21.42
N LYS B 220 -25.32 -1.32 22.54
CA LYS B 220 -24.93 -2.71 22.76
C LYS B 220 -26.17 -3.48 23.18
N VAL B 221 -26.66 -4.36 22.29
CA VAL B 221 -27.93 -5.05 22.50
C VAL B 221 -27.73 -6.54 22.28
N ASP B 222 -28.44 -7.34 23.07
CA ASP B 222 -28.47 -8.79 22.94
C ASP B 222 -29.92 -9.22 22.70
N LYS B 223 -30.15 -9.94 21.60
CA LYS B 223 -31.48 -10.38 21.22
C LYS B 223 -31.55 -11.91 21.25
N LYS B 224 -32.59 -12.44 21.89
CA LYS B 224 -32.84 -13.87 21.88
C LYS B 224 -33.56 -14.25 20.60
N VAL B 225 -33.24 -15.44 20.07
CA VAL B 225 -33.67 -15.86 18.74
C VAL B 225 -34.32 -17.23 18.89
N GLU B 226 -35.64 -17.28 18.76
CA GLU B 226 -36.40 -18.49 19.03
C GLU B 226 -37.30 -18.83 17.85
N PRO B 227 -37.80 -20.07 17.79
CA PRO B 227 -38.74 -20.41 16.71
C PRO B 227 -39.97 -19.51 16.72
N LYS B 228 -40.37 -19.10 15.53
CA LYS B 228 -41.47 -18.15 15.36
C LYS B 228 -42.79 -18.65 15.95
N ASP C 3 -0.25 10.17 -18.07
CA ASP C 3 0.04 10.11 -19.50
C ASP C 3 -0.10 8.68 -20.01
N ILE C 4 0.29 7.72 -19.17
CA ILE C 4 0.31 6.31 -19.52
C ILE C 4 -0.82 5.60 -18.81
N VAL C 5 -1.56 4.78 -19.56
CA VAL C 5 -2.66 3.97 -19.03
C VAL C 5 -2.17 2.55 -18.85
N MET C 6 -2.51 1.95 -17.70
CA MET C 6 -2.14 0.57 -17.40
C MET C 6 -3.38 -0.30 -17.42
N THR C 7 -3.32 -1.38 -18.21
CA THR C 7 -4.43 -2.30 -18.38
C THR C 7 -3.99 -3.70 -17.99
N GLN C 8 -4.67 -4.29 -17.02
CA GLN C 8 -4.35 -5.63 -16.53
C GLN C 8 -5.28 -6.66 -17.15
N SER C 9 -4.77 -7.89 -17.30
CA SER C 9 -5.53 -9.00 -17.85
C SER C 9 -5.07 -10.29 -17.20
N PRO C 10 -6.00 -11.19 -16.82
CA PRO C 10 -7.45 -10.97 -16.94
C PRO C 10 -8.02 -10.19 -15.77
N GLY C 11 -9.34 -10.01 -15.75
CA GLY C 11 -9.97 -9.30 -14.64
C GLY C 11 -10.10 -10.15 -13.40
N THR C 12 -10.55 -11.39 -13.59
CA THR C 12 -10.69 -12.33 -12.49
C THR C 12 -10.38 -13.72 -13.01
N LEU C 13 -9.73 -14.54 -12.18
CA LEU C 13 -9.29 -15.86 -12.59
C LEU C 13 -9.46 -16.82 -11.42
N SER C 14 -9.97 -18.02 -11.72
CA SER C 14 -10.18 -19.06 -10.72
C SER C 14 -9.21 -20.21 -10.96
N LEU C 15 -8.48 -20.59 -9.91
CA LEU C 15 -7.45 -21.63 -10.00
C LEU C 15 -7.40 -22.39 -8.68
N SER C 16 -6.91 -23.63 -8.76
CA SER C 16 -6.61 -24.43 -7.58
C SER C 16 -5.18 -24.15 -7.13
N PRO C 17 -4.78 -24.58 -5.93
CA PRO C 17 -3.36 -24.47 -5.56
C PRO C 17 -2.49 -25.44 -6.32
N GLY C 18 -1.21 -25.11 -6.38
CA GLY C 18 -0.25 -25.84 -7.19
C GLY C 18 -0.17 -25.42 -8.64
N GLU C 19 -1.18 -24.74 -9.17
CA GLU C 19 -1.09 -24.32 -10.57
C GLU C 19 -0.26 -23.05 -10.70
N ARG C 20 -0.10 -22.60 -11.93
CA ARG C 20 0.67 -21.42 -12.27
C ARG C 20 -0.28 -20.30 -12.70
N ALA C 21 -0.06 -19.11 -12.16
CA ALA C 21 -0.86 -17.93 -12.49
C ALA C 21 0.00 -16.96 -13.30
N THR C 22 -0.49 -16.60 -14.48
CA THR C 22 0.21 -15.69 -15.39
C THR C 22 -0.62 -14.42 -15.51
N LEU C 23 -0.15 -13.34 -14.91
CA LEU C 23 -0.88 -12.07 -14.84
C LEU C 23 -0.21 -11.06 -15.74
N SER C 24 -1.00 -10.46 -16.63
CA SER C 24 -0.49 -9.53 -17.64
C SER C 24 -0.83 -8.10 -17.24
N CYS C 25 0.05 -7.17 -17.64
CA CYS C 25 -0.15 -5.75 -17.34
C CYS C 25 0.30 -4.96 -18.56
N ARG C 26 -0.64 -4.29 -19.22
CA ARG C 26 -0.38 -3.56 -20.46
C ARG C 26 -0.24 -2.06 -20.20
N ALA C 27 0.62 -1.41 -20.98
CA ALA C 27 0.82 0.02 -20.90
C ALA C 27 0.53 0.68 -22.24
N SER C 28 -0.10 1.85 -22.19
CA SER C 28 -0.46 2.54 -23.42
C SER C 28 0.77 3.10 -24.13
N GLN C 29 1.80 3.46 -23.38
CA GLN C 29 3.10 3.84 -23.93
C GLN C 29 4.15 2.88 -23.38
N SER C 30 5.40 3.09 -23.79
CA SER C 30 6.49 2.23 -23.37
C SER C 30 7.03 2.70 -22.04
N VAL C 31 6.95 1.84 -21.02
CA VAL C 31 7.65 2.08 -19.76
C VAL C 31 9.11 1.69 -19.99
N SER C 32 9.84 2.54 -20.71
CA SER C 32 11.20 2.22 -21.13
C SER C 32 12.19 2.19 -19.98
N SER C 33 11.79 2.62 -18.78
CA SER C 33 12.66 2.56 -17.62
C SER C 33 12.52 1.26 -16.84
N SER C 34 11.57 0.40 -17.22
CA SER C 34 11.19 -0.78 -16.46
C SER C 34 10.81 -0.44 -15.03
N TYR C 35 10.38 0.81 -14.79
CA TYR C 35 9.90 1.24 -13.48
C TYR C 35 8.47 0.75 -13.28
N LEU C 36 8.35 -0.56 -13.08
CA LEU C 36 7.05 -1.15 -12.85
C LEU C 36 7.11 -2.13 -11.68
N ALA C 37 6.06 -2.07 -10.86
CA ALA C 37 5.98 -2.80 -9.62
C ALA C 37 4.71 -3.62 -9.59
N TRP C 38 4.71 -4.66 -8.77
CA TRP C 38 3.55 -5.52 -8.57
C TRP C 38 3.21 -5.56 -7.09
N TYR C 39 1.91 -5.51 -6.79
CA TYR C 39 1.44 -5.53 -5.42
C TYR C 39 0.41 -6.63 -5.25
N GLN C 40 0.26 -7.07 -3.99
CA GLN C 40 -0.76 -8.03 -3.61
C GLN C 40 -1.59 -7.41 -2.49
N GLN C 41 -2.91 -7.50 -2.62
CA GLN C 41 -3.81 -7.01 -1.59
C GLN C 41 -4.81 -8.09 -1.21
N LYS C 42 -4.95 -8.34 0.07
CA LYS C 42 -5.91 -9.25 0.63
C LYS C 42 -7.01 -8.47 1.35
N PRO C 43 -8.22 -9.03 1.44
CA PRO C 43 -9.35 -8.26 2.00
C PRO C 43 -9.05 -7.66 3.36
N GLY C 44 -9.43 -6.40 3.53
CA GLY C 44 -9.21 -5.69 4.78
C GLY C 44 -7.75 -5.47 5.12
N GLN C 45 -6.90 -5.35 4.11
CA GLN C 45 -5.46 -5.22 4.32
C GLN C 45 -4.89 -4.24 3.30
N ALA C 46 -3.85 -3.52 3.72
CA ALA C 46 -3.13 -2.66 2.80
C ALA C 46 -2.42 -3.51 1.75
N PRO C 47 -2.14 -2.93 0.58
CA PRO C 47 -1.35 -3.66 -0.43
C PRO C 47 0.04 -3.97 0.10
N ARG C 48 0.69 -4.93 -0.54
CA ARG C 48 2.03 -5.35 -0.19
C ARG C 48 2.89 -5.40 -1.45
N LEU C 49 4.10 -4.85 -1.36
CA LEU C 49 4.99 -4.82 -2.51
C LEU C 49 5.58 -6.20 -2.76
N LEU C 50 5.46 -6.69 -4.00
CA LEU C 50 6.04 -7.95 -4.42
C LEU C 50 7.25 -7.75 -5.32
N ILE C 51 7.09 -6.96 -6.38
CA ILE C 51 8.13 -6.77 -7.39
C ILE C 51 8.34 -5.27 -7.56
N TYR C 52 9.59 -4.87 -7.80
CA TYR C 52 9.89 -3.53 -8.30
C TYR C 52 10.92 -3.66 -9.40
N GLY C 53 11.08 -2.59 -10.17
CA GLY C 53 11.94 -2.64 -11.33
C GLY C 53 11.58 -3.72 -12.33
N ALA C 54 10.31 -4.15 -12.34
CA ALA C 54 9.73 -5.13 -13.25
C ALA C 54 10.17 -6.57 -12.95
N SER C 55 11.33 -6.76 -12.30
CA SER C 55 11.85 -8.11 -12.13
C SER C 55 12.51 -8.40 -10.79
N THR C 56 12.59 -7.43 -9.88
CA THR C 56 13.31 -7.60 -8.62
C THR C 56 12.30 -7.79 -7.49
N ARG C 57 12.44 -8.90 -6.76
CA ARG C 57 11.54 -9.19 -5.65
C ARG C 57 11.91 -8.36 -4.43
N ALA C 58 10.89 -7.92 -3.71
CA ALA C 58 11.10 -7.21 -2.46
C ALA C 58 11.60 -8.18 -1.39
N THR C 59 12.18 -7.61 -0.33
CA THR C 59 12.74 -8.43 0.74
C THR C 59 11.65 -9.24 1.42
N GLY C 60 11.83 -10.56 1.44
CA GLY C 60 10.90 -11.47 2.06
C GLY C 60 9.93 -12.14 1.12
N ILE C 61 9.87 -11.70 -0.13
CA ILE C 61 8.91 -12.26 -1.09
C ILE C 61 9.45 -13.60 -1.59
N PRO C 62 8.65 -14.67 -1.55
CA PRO C 62 9.15 -15.99 -1.98
C PRO C 62 9.40 -16.04 -3.47
N ALA C 63 10.25 -16.98 -3.86
CA ALA C 63 10.74 -17.09 -5.24
C ALA C 63 9.67 -17.57 -6.21
N ARG C 64 8.53 -18.07 -5.73
CA ARG C 64 7.47 -18.47 -6.65
C ARG C 64 6.87 -17.28 -7.38
N PHE C 65 7.02 -16.07 -6.83
CA PHE C 65 6.62 -14.84 -7.50
C PHE C 65 7.76 -14.38 -8.40
N SER C 66 7.49 -14.24 -9.70
CA SER C 66 8.49 -13.79 -10.65
C SER C 66 7.88 -12.76 -11.58
N GLY C 67 8.55 -11.62 -11.73
CA GLY C 67 8.11 -10.55 -12.62
C GLY C 67 9.01 -10.49 -13.85
N SER C 68 8.40 -10.21 -15.00
CA SER C 68 9.12 -10.15 -16.26
C SER C 68 8.49 -9.11 -17.15
N GLY C 69 9.17 -8.80 -18.25
CA GLY C 69 8.63 -7.90 -19.24
C GLY C 69 9.42 -6.64 -19.45
N SER C 70 9.21 -6.01 -20.61
CA SER C 70 9.80 -4.72 -20.93
C SER C 70 8.89 -4.08 -21.98
N GLY C 71 9.14 -2.79 -22.23
CA GLY C 71 8.33 -2.07 -23.20
C GLY C 71 6.90 -1.82 -22.75
N THR C 72 5.96 -2.56 -23.32
CA THR C 72 4.54 -2.34 -23.14
C THR C 72 3.81 -3.51 -22.49
N GLU C 73 4.36 -4.73 -22.57
CA GLU C 73 3.83 -5.87 -21.83
C GLU C 73 4.75 -6.28 -20.70
N PHE C 74 4.15 -6.41 -19.52
CA PHE C 74 4.77 -6.88 -18.30
C PHE C 74 3.93 -8.01 -17.73
N THR C 75 4.60 -8.92 -17.02
CA THR C 75 3.99 -10.16 -16.58
C THR C 75 4.45 -10.49 -15.17
N LEU C 76 3.49 -10.92 -14.34
CA LEU C 76 3.77 -11.48 -13.02
C LEU C 76 3.37 -12.94 -13.04
N THR C 77 4.35 -13.83 -12.87
CA THR C 77 4.14 -15.26 -12.92
C THR C 77 4.29 -15.83 -11.51
N ILE C 78 3.27 -16.54 -11.04
CA ILE C 78 3.29 -17.21 -9.75
C ILE C 78 3.26 -18.70 -10.03
N SER C 79 4.39 -19.38 -9.81
CA SER C 79 4.56 -20.74 -10.34
C SER C 79 3.76 -21.78 -9.56
N SER C 80 3.97 -21.85 -8.25
CA SER C 80 3.37 -22.87 -7.40
C SER C 80 2.41 -22.20 -6.43
N LEU C 81 1.16 -22.03 -6.85
CA LEU C 81 0.19 -21.30 -6.06
C LEU C 81 -0.06 -21.98 -4.71
N GLN C 82 -0.15 -21.17 -3.67
CA GLN C 82 -0.49 -21.61 -2.33
C GLN C 82 -1.77 -20.91 -1.89
N SER C 83 -2.36 -21.40 -0.79
CA SER C 83 -3.63 -20.86 -0.34
C SER C 83 -3.55 -19.37 -0.05
N GLU C 84 -2.43 -18.91 0.52
CA GLU C 84 -2.26 -17.51 0.86
C GLU C 84 -2.00 -16.62 -0.35
N ASP C 85 -1.84 -17.21 -1.54
CA ASP C 85 -1.56 -16.42 -2.74
C ASP C 85 -2.81 -15.89 -3.42
N PHE C 86 -3.97 -16.44 -3.11
CA PHE C 86 -5.20 -16.06 -3.81
C PHE C 86 -5.72 -14.75 -3.23
N ALA C 87 -5.52 -13.67 -3.98
CA ALA C 87 -5.87 -12.32 -3.57
C ALA C 87 -5.96 -11.46 -4.84
N VAL C 88 -5.93 -10.15 -4.66
CA VAL C 88 -5.94 -9.21 -5.77
C VAL C 88 -4.51 -8.73 -6.02
N TYR C 89 -4.16 -8.54 -7.28
CA TYR C 89 -2.82 -8.13 -7.67
C TYR C 89 -2.91 -6.92 -8.57
N TYR C 90 -2.05 -5.93 -8.31
CA TYR C 90 -2.00 -4.69 -9.07
C TYR C 90 -0.60 -4.49 -9.63
N CYS C 91 -0.53 -3.78 -10.76
CA CYS C 91 0.73 -3.34 -11.32
C CYS C 91 0.79 -1.81 -11.28
N GLN C 92 1.98 -1.28 -10.99
CA GLN C 92 2.22 0.15 -10.90
C GLN C 92 3.28 0.55 -11.91
N GLN C 93 3.07 1.68 -12.58
CA GLN C 93 4.12 2.31 -13.38
C GLN C 93 4.50 3.63 -12.74
N TYR C 94 5.79 3.94 -12.80
CA TYR C 94 6.36 5.17 -12.25
C TYR C 94 7.52 5.59 -13.14
N ASP C 95 7.25 5.57 -14.45
CA ASP C 95 8.28 5.80 -15.46
C ASP C 95 8.78 7.24 -15.41
N ASN C 96 7.87 8.21 -15.32
CA ASN C 96 8.25 9.62 -15.27
C ASN C 96 8.37 10.08 -13.83
N TRP C 97 9.34 9.50 -13.14
CA TRP C 97 9.54 9.80 -11.73
C TRP C 97 9.97 11.25 -11.57
N PRO C 98 9.41 12.00 -10.61
CA PRO C 98 8.39 11.54 -9.66
C PRO C 98 6.98 12.01 -10.02
N LEU C 99 6.76 12.30 -11.29
CA LEU C 99 5.63 13.14 -11.67
C LEU C 99 4.34 12.35 -11.79
N MET C 100 4.41 11.09 -12.24
CA MET C 100 3.21 10.36 -12.60
C MET C 100 3.32 8.91 -12.16
N HIS C 101 2.31 8.43 -11.43
CA HIS C 101 2.13 7.03 -11.13
C HIS C 101 0.75 6.59 -11.60
N THR C 102 0.67 5.34 -12.05
CA THR C 102 -0.60 4.79 -12.55
C THR C 102 -0.68 3.32 -12.19
N PHE C 103 -1.80 2.93 -11.59
CA PHE C 103 -2.10 1.53 -11.29
C PHE C 103 -2.97 0.93 -12.38
N GLY C 104 -2.92 -0.40 -12.47
CA GLY C 104 -3.92 -1.11 -13.23
C GLY C 104 -5.16 -1.36 -12.40
N GLN C 105 -6.22 -1.82 -13.06
CA GLN C 105 -7.48 -2.02 -12.36
C GLN C 105 -7.47 -3.23 -11.44
N GLY C 106 -6.54 -4.16 -11.62
CA GLY C 106 -6.38 -5.27 -10.71
C GLY C 106 -6.81 -6.59 -11.33
N THR C 107 -6.35 -7.67 -10.71
CA THR C 107 -6.67 -9.03 -11.13
C THR C 107 -6.90 -9.87 -9.88
N LYS C 108 -8.05 -10.51 -9.78
CA LYS C 108 -8.45 -11.25 -8.60
C LYS C 108 -8.20 -12.74 -8.79
N LEU C 109 -7.55 -13.37 -7.81
CA LEU C 109 -7.27 -14.80 -7.84
C LEU C 109 -8.24 -15.51 -6.91
N GLU C 110 -8.83 -16.60 -7.41
CA GLU C 110 -9.99 -17.22 -6.79
C GLU C 110 -9.74 -18.71 -6.65
N ILE C 111 -9.84 -19.23 -5.42
CA ILE C 111 -9.57 -20.64 -5.17
C ILE C 111 -10.64 -21.51 -5.82
N LYS C 112 -10.19 -22.46 -6.64
CA LYS C 112 -11.08 -23.47 -7.20
C LYS C 112 -11.46 -24.50 -6.15
N ARG C 113 -12.67 -25.03 -6.28
CA ARG C 113 -13.19 -26.04 -5.37
C ARG C 113 -14.34 -26.83 -6.00
N THR C 114 -14.53 -28.05 -5.49
CA THR C 114 -15.68 -28.88 -5.85
C THR C 114 -16.96 -28.08 -5.69
N ALA C 115 -17.92 -28.34 -6.58
CA ALA C 115 -19.21 -27.70 -6.47
C ALA C 115 -19.86 -28.05 -5.13
N ALA C 116 -20.48 -27.04 -4.51
CA ALA C 116 -21.22 -27.20 -3.28
C ALA C 116 -22.59 -26.57 -3.45
N ALA C 117 -23.63 -27.30 -3.08
CA ALA C 117 -24.99 -26.80 -3.29
C ALA C 117 -25.37 -25.84 -2.18
N PRO C 118 -26.08 -24.75 -2.50
CA PRO C 118 -26.49 -23.78 -1.47
C PRO C 118 -27.69 -24.29 -0.70
N SER C 119 -27.55 -24.36 0.63
CA SER C 119 -28.66 -24.72 1.51
C SER C 119 -29.51 -23.48 1.73
N VAL C 120 -30.68 -23.44 1.12
CA VAL C 120 -31.50 -22.23 1.06
C VAL C 120 -32.40 -22.16 2.29
N PHE C 121 -32.53 -20.95 2.84
CA PHE C 121 -33.44 -20.66 3.93
C PHE C 121 -34.13 -19.33 3.66
N ILE C 122 -35.39 -19.22 4.07
CA ILE C 122 -36.14 -17.97 3.94
C ILE C 122 -36.63 -17.55 5.32
N PHE C 123 -36.76 -16.24 5.50
CA PHE C 123 -37.19 -15.66 6.77
C PHE C 123 -38.25 -14.59 6.53
N PRO C 124 -39.31 -14.58 7.33
CA PRO C 124 -40.28 -13.49 7.27
C PRO C 124 -40.00 -12.45 8.32
N PRO C 125 -40.58 -11.25 8.20
CA PRO C 125 -40.46 -10.26 9.28
C PRO C 125 -40.97 -10.82 10.61
N SER C 126 -40.61 -10.13 11.68
CA SER C 126 -40.75 -10.64 13.03
C SER C 126 -41.78 -9.88 13.85
N ASP C 127 -42.82 -9.36 13.19
CA ASP C 127 -43.87 -8.59 13.85
C ASP C 127 -43.31 -7.31 14.47
N GLU C 128 -42.28 -7.44 15.32
CA GLU C 128 -41.66 -6.26 15.91
C GLU C 128 -41.08 -5.34 14.83
N GLN C 129 -40.62 -5.90 13.71
CA GLN C 129 -40.25 -5.07 12.57
C GLN C 129 -41.48 -4.56 11.85
N LEU C 130 -42.51 -5.40 11.71
CA LEU C 130 -43.75 -4.97 11.05
C LEU C 130 -44.40 -3.81 11.79
N LYS C 131 -44.21 -3.74 13.11
CA LYS C 131 -44.73 -2.62 13.89
C LYS C 131 -44.28 -1.28 13.31
N SER C 132 -43.00 -1.18 12.97
CA SER C 132 -42.41 0.08 12.50
C SER C 132 -42.78 0.41 11.06
N GLY C 133 -43.58 -0.41 10.39
CA GLY C 133 -44.06 -0.07 9.07
C GLY C 133 -43.13 -0.43 7.93
N THR C 134 -42.25 -1.40 8.11
CA THR C 134 -41.34 -1.83 7.05
C THR C 134 -41.11 -3.33 7.18
N ALA C 135 -41.04 -4.02 6.05
CA ALA C 135 -40.93 -5.48 6.02
C ALA C 135 -39.72 -5.87 5.19
N SER C 136 -38.79 -6.60 5.81
CA SER C 136 -37.61 -7.12 5.15
C SER C 136 -37.75 -8.63 5.02
N VAL C 137 -37.43 -9.17 3.85
CA VAL C 137 -37.71 -10.55 3.50
C VAL C 137 -36.37 -11.19 3.14
N VAL C 138 -35.84 -12.02 4.03
CA VAL C 138 -34.46 -12.50 3.92
C VAL C 138 -34.45 -13.89 3.28
N CYS C 139 -33.58 -14.07 2.29
CA CYS C 139 -33.31 -15.37 1.67
C CYS C 139 -31.82 -15.66 1.79
N LEU C 140 -31.49 -16.74 2.48
CA LEU C 140 -30.11 -17.08 2.79
C LEU C 140 -29.65 -18.27 1.95
N LEU C 141 -28.50 -18.11 1.30
CA LEU C 141 -27.82 -19.20 0.60
C LEU C 141 -26.51 -19.46 1.32
N ASN C 142 -26.31 -20.69 1.78
CA ASN C 142 -25.23 -21.01 2.70
C ASN C 142 -24.28 -22.04 2.09
N ASN C 143 -22.99 -21.74 2.14
CA ASN C 143 -21.91 -22.69 1.84
C ASN C 143 -22.09 -23.33 0.46
N PHE C 144 -21.80 -22.53 -0.57
CA PHE C 144 -21.91 -22.98 -1.95
C PHE C 144 -20.68 -22.57 -2.75
N TYR C 145 -20.45 -23.29 -3.84
CA TYR C 145 -19.42 -22.97 -4.81
C TYR C 145 -19.86 -23.53 -6.15
N PRO C 146 -19.66 -22.81 -7.27
CA PRO C 146 -19.02 -21.49 -7.34
C PRO C 146 -19.91 -20.33 -6.90
N ARG C 147 -19.40 -19.10 -7.04
CA ARG C 147 -20.10 -17.93 -6.53
C ARG C 147 -21.39 -17.65 -7.30
N GLU C 148 -21.40 -17.94 -8.60
CA GLU C 148 -22.53 -17.55 -9.45
C GLU C 148 -23.80 -18.28 -9.02
N ALA C 149 -24.79 -17.51 -8.58
CA ALA C 149 -26.06 -18.07 -8.14
C ALA C 149 -27.16 -17.12 -8.51
N LYS C 150 -28.24 -17.66 -9.03
CA LYS C 150 -29.32 -16.85 -9.53
C LYS C 150 -30.49 -16.87 -8.56
N VAL C 151 -30.69 -15.74 -7.87
CA VAL C 151 -31.69 -15.60 -6.82
C VAL C 151 -32.78 -14.68 -7.33
N GLN C 152 -33.97 -15.22 -7.52
CA GLN C 152 -35.14 -14.47 -7.96
C GLN C 152 -36.22 -14.54 -6.90
N TRP C 153 -36.94 -13.44 -6.71
CA TRP C 153 -38.01 -13.31 -5.72
C TRP C 153 -39.37 -13.36 -6.43
N LYS C 154 -40.26 -14.28 -6.00
CA LYS C 154 -41.67 -14.22 -6.39
C LYS C 154 -42.46 -13.69 -5.20
N VAL C 155 -43.22 -12.64 -5.43
CA VAL C 155 -44.29 -12.21 -4.55
C VAL C 155 -45.59 -12.43 -5.32
N ASP C 156 -46.38 -13.41 -4.88
CA ASP C 156 -47.58 -13.87 -5.62
C ASP C 156 -47.23 -14.25 -7.05
N ASN C 157 -46.02 -14.78 -7.26
CA ASN C 157 -45.59 -15.33 -8.53
C ASN C 157 -45.54 -14.26 -9.63
N ALA C 158 -44.96 -13.11 -9.29
CA ALA C 158 -44.67 -12.06 -10.26
C ALA C 158 -43.24 -11.58 -10.04
N LEU C 159 -42.52 -11.33 -11.14
CA LEU C 159 -41.12 -10.98 -11.07
C LEU C 159 -40.93 -9.67 -10.31
N GLN C 160 -39.94 -9.66 -9.41
CA GLN C 160 -39.59 -8.48 -8.62
C GLN C 160 -38.27 -7.91 -9.15
N SER C 161 -38.23 -6.59 -9.32
CA SER C 161 -37.06 -5.93 -9.87
C SER C 161 -36.84 -4.60 -9.17
N GLY C 162 -35.62 -4.38 -8.68
CA GLY C 162 -35.23 -3.10 -8.13
C GLY C 162 -35.54 -2.88 -6.68
N ASN C 163 -35.90 -3.94 -5.95
CA ASN C 163 -36.31 -3.83 -4.56
C ASN C 163 -35.61 -4.81 -3.62
N SER C 164 -34.67 -5.62 -4.13
CA SER C 164 -33.93 -6.58 -3.32
C SER C 164 -32.44 -6.26 -3.35
N GLN C 165 -31.79 -6.40 -2.20
CA GLN C 165 -30.35 -6.26 -2.06
C GLN C 165 -29.74 -7.61 -1.72
N GLU C 166 -28.65 -7.96 -2.40
CA GLU C 166 -27.97 -9.23 -2.17
C GLU C 166 -26.51 -8.97 -1.77
N SER C 167 -26.06 -9.65 -0.73
CA SER C 167 -24.72 -9.47 -0.18
C SER C 167 -24.01 -10.81 -0.10
N VAL C 168 -22.76 -10.85 -0.55
CA VAL C 168 -21.96 -12.07 -0.60
C VAL C 168 -20.83 -11.96 0.40
N THR C 169 -20.47 -13.09 1.01
CA THR C 169 -19.31 -13.18 1.88
C THR C 169 -18.06 -13.48 1.06
N GLU C 170 -16.91 -13.35 1.72
CA GLU C 170 -15.66 -13.76 1.10
C GLU C 170 -15.51 -15.28 1.15
N GLN C 171 -14.56 -15.80 0.38
CA GLN C 171 -14.28 -17.22 0.41
C GLN C 171 -13.86 -17.64 1.82
N ASP C 172 -14.55 -18.65 2.35
CA ASP C 172 -14.28 -19.10 3.71
C ASP C 172 -12.84 -19.61 3.83
N SER C 173 -12.21 -19.30 4.96
CA SER C 173 -10.81 -19.64 5.14
C SER C 173 -10.60 -21.15 5.22
N LYS C 174 -11.62 -21.90 5.64
CA LYS C 174 -11.49 -23.34 5.87
C LYS C 174 -11.98 -24.18 4.70
N ASP C 175 -13.19 -23.94 4.19
CA ASP C 175 -13.76 -24.77 3.15
C ASP C 175 -13.94 -24.05 1.82
N SER C 176 -13.59 -22.77 1.74
CA SER C 176 -13.51 -22.01 0.48
C SER C 176 -14.88 -21.83 -0.19
N THR C 177 -15.96 -21.94 0.56
CA THR C 177 -17.30 -21.72 0.01
C THR C 177 -17.79 -20.30 0.26
N TYR C 178 -18.86 -19.96 -0.47
CA TYR C 178 -19.52 -18.67 -0.37
C TYR C 178 -20.85 -18.81 0.35
N SER C 179 -21.30 -17.72 0.95
CA SER C 179 -22.64 -17.60 1.49
C SER C 179 -23.26 -16.31 0.98
N LEU C 180 -24.54 -16.33 0.69
CA LEU C 180 -25.23 -15.20 0.08
C LEU C 180 -26.52 -14.91 0.82
N SER C 181 -26.75 -13.64 1.12
CA SER C 181 -28.01 -13.17 1.68
C SER C 181 -28.67 -12.22 0.69
N SER C 182 -29.98 -12.40 0.49
CA SER C 182 -30.77 -11.58 -0.42
C SER C 182 -31.95 -11.01 0.36
N THR C 183 -32.00 -9.70 0.49
CA THR C 183 -32.98 -9.02 1.34
C THR C 183 -33.91 -8.19 0.47
N LEU C 184 -35.18 -8.59 0.42
CA LEU C 184 -36.21 -7.78 -0.18
C LEU C 184 -36.75 -6.85 0.90
N THR C 185 -36.90 -5.57 0.58
CA THR C 185 -37.51 -4.60 1.49
C THR C 185 -38.74 -3.99 0.83
N LEU C 186 -39.87 -4.04 1.53
CA LEU C 186 -41.12 -3.46 1.09
C LEU C 186 -41.76 -2.75 2.27
N SER C 187 -42.77 -1.92 1.98
CA SER C 187 -43.51 -1.25 3.03
C SER C 187 -44.50 -2.22 3.67
N LYS C 188 -45.07 -1.80 4.80
CA LYS C 188 -46.02 -2.68 5.49
C LYS C 188 -47.31 -2.82 4.69
N ALA C 189 -47.77 -1.73 4.08
CA ALA C 189 -48.96 -1.82 3.23
C ALA C 189 -48.71 -2.76 2.05
N ASP C 190 -47.55 -2.61 1.39
CA ASP C 190 -47.21 -3.46 0.27
C ASP C 190 -46.87 -4.89 0.72
N TYR C 191 -46.60 -5.09 2.01
CA TYR C 191 -46.39 -6.42 2.54
C TYR C 191 -47.70 -7.19 2.75
N GLU C 192 -48.81 -6.47 2.92
CA GLU C 192 -50.09 -7.09 3.21
C GLU C 192 -51.04 -7.11 2.02
N LYS C 193 -50.68 -6.46 0.91
CA LYS C 193 -51.40 -6.62 -0.34
C LYS C 193 -51.05 -7.92 -1.04
N HIS C 194 -50.22 -8.75 -0.43
CA HIS C 194 -49.75 -9.98 -1.03
C HIS C 194 -49.58 -11.04 0.05
N LYS C 195 -49.57 -12.31 -0.37
CA LYS C 195 -49.54 -13.42 0.56
C LYS C 195 -48.37 -14.36 0.33
N LEU C 196 -48.12 -14.78 -0.91
CA LEU C 196 -47.08 -15.76 -1.21
C LEU C 196 -45.75 -15.07 -1.42
N TYR C 197 -44.77 -15.37 -0.57
CA TYR C 197 -43.41 -14.86 -0.69
C TYR C 197 -42.49 -16.03 -0.95
N ALA C 198 -41.90 -16.07 -2.15
CA ALA C 198 -41.10 -17.20 -2.60
C ALA C 198 -39.71 -16.74 -3.00
N CYS C 199 -38.71 -17.59 -2.75
CA CYS C 199 -37.33 -17.35 -3.15
C CYS C 199 -36.85 -18.56 -3.93
N GLU C 200 -36.63 -18.37 -5.24
CA GLU C 200 -36.16 -19.44 -6.11
C GLU C 200 -34.66 -19.26 -6.35
N VAL C 201 -33.91 -20.34 -6.17
CA VAL C 201 -32.45 -20.31 -6.23
C VAL C 201 -32.01 -21.25 -7.35
N THR C 202 -31.18 -20.74 -8.25
CA THR C 202 -30.61 -21.52 -9.34
C THR C 202 -29.10 -21.63 -9.13
N HIS C 203 -28.56 -22.84 -9.22
CA HIS C 203 -27.15 -23.05 -8.97
C HIS C 203 -26.67 -24.29 -9.70
N GLN C 204 -25.37 -24.28 -10.05
CA GLN C 204 -24.74 -25.43 -10.69
C GLN C 204 -24.94 -26.71 -9.89
N GLY C 205 -24.77 -26.63 -8.57
CA GLY C 205 -24.88 -27.77 -7.70
C GLY C 205 -26.29 -28.27 -7.41
N LEU C 206 -27.29 -27.72 -8.08
CA LEU C 206 -28.68 -28.14 -7.90
C LEU C 206 -29.20 -28.72 -9.20
N SER C 207 -29.92 -29.84 -9.11
CA SER C 207 -30.48 -30.45 -10.31
C SER C 207 -31.55 -29.57 -10.95
N SER C 208 -32.38 -28.94 -10.12
CA SER C 208 -33.43 -28.04 -10.57
C SER C 208 -33.51 -26.87 -9.62
N PRO C 209 -34.03 -25.73 -10.07
CA PRO C 209 -34.13 -24.56 -9.19
C PRO C 209 -34.94 -24.86 -7.93
N VAL C 210 -34.35 -24.54 -6.78
CA VAL C 210 -34.97 -24.77 -5.48
C VAL C 210 -35.72 -23.50 -5.07
N THR C 211 -36.93 -23.68 -4.55
CA THR C 211 -37.76 -22.58 -4.09
C THR C 211 -38.10 -22.76 -2.62
N LYS C 212 -37.90 -21.71 -1.83
CA LYS C 212 -38.31 -21.66 -0.44
C LYS C 212 -39.32 -20.54 -0.29
N SER C 213 -40.57 -20.91 0.00
CA SER C 213 -41.67 -19.95 0.04
C SER C 213 -42.41 -20.06 1.37
N PHE C 214 -43.24 -19.05 1.62
CA PHE C 214 -44.09 -19.04 2.81
C PHE C 214 -45.29 -18.16 2.53
N ASN C 215 -46.33 -18.36 3.34
CA ASN C 215 -47.54 -17.54 3.29
C ASN C 215 -47.58 -16.61 4.49
N ARG C 216 -48.00 -15.37 4.26
CA ARG C 216 -48.05 -14.39 5.33
C ARG C 216 -49.07 -14.80 6.39
N GLY C 217 -48.67 -14.74 7.65
CA GLY C 217 -49.53 -15.13 8.74
C GLY C 217 -49.77 -16.61 8.81
N GLU C 218 -48.70 -17.40 8.86
CA GLU C 218 -48.81 -18.85 8.93
C GLU C 218 -47.56 -19.47 9.52
C1 NAG D . 45.76 2.30 6.19
C2 NAG D . 45.35 2.56 7.64
C3 NAG D . 46.37 3.47 8.32
C4 NAG D . 47.78 2.92 8.15
C5 NAG D . 48.07 2.64 6.69
C6 NAG D . 49.42 2.01 6.45
C7 NAG D . 43.08 2.78 8.57
C8 NAG D . 43.45 1.69 9.52
N2 NAG D . 44.02 3.15 7.70
O3 NAG D . 46.06 3.59 9.70
O4 NAG D . 48.73 3.87 8.65
O5 NAG D . 47.08 1.75 6.16
O6 NAG D . 50.23 2.82 5.62
O7 NAG D . 41.97 3.31 8.60
#